data_6B11
#
_entry.id   6B11
#
_cell.length_a   63.730
_cell.length_b   109.240
_cell.length_c   150.060
_cell.angle_alpha   90.000
_cell.angle_beta   90.000
_cell.angle_gamma   90.000
#
_symmetry.space_group_name_H-M   'P 21 21 21'
#
loop_
_entity.id
_entity.type
_entity.pdbx_description
1 polymer '20-oxo-5-O-mycaminosyltylactone 23-monooxygenase'
2 non-polymer 'PROTOPORPHYRIN IX CONTAINING FE'
3 non-polymer '(4R,5S,6S,7R,9R,11E,13E,15S,16R)-16-ethyl-4-hydroxy-5,9,13,15-tetramethyl-2,10-dioxo-7-(2-oxoethyl)-1-oxacyclohexadeca-11,13-dien-6-yl 3,6-dideoxy-3-(dimethylamino)-beta-D-glucopyranoside'
4 non-polymer 1,2-ETHANEDIOL
5 water water
#
_entity_poly.entity_id   1
_entity_poly.type   'polypeptide(L)'
_entity_poly.pdbx_seq_one_letter_code
;MGSSHHHHHHSSGLVPRGSHMSSSGDARPSQKGILLPAARANDTDEAAGRRSIAWPVART(CSO)PFSPPEQYAALRAEE
PIARAELWDGAPVWLISRQDHVRALLADPRVSIHPAKLPRLSPSDGEAEASRSLLTLDPPDHGALRGHFIPEFGLRRVRE
LRPSVEQIVTGLLDDLTARGDEADLLADFALPMATQVICRLLDIPYEDRDYFQERTEQATRPAAGEEALEALLELRDYLD
RLISGKTGRESGDGMLGSMVAQARGGGLSHADVLDNAVLLLAAGHETTASMVTMSVLVLLQHPTAWRELTVNPGLLPGAV
DELLRYLSIADGLRRSATADIEIDGHTIRAGDGLVFLLAAANRDEAVFSEPEAFDIHRSARRHVAFGYGPHQCLGQNLAR
MELEVALGAVLERLPALRPTTDVAGLRLKSDSAVFGVYELPVAW
;
_entity_poly.pdbx_strand_id   A,B
#
# COMPACT_ATOMS: atom_id res chain seq x y z
N SER A 52 -6.42 3.42 34.05
CA SER A 52 -6.79 4.80 34.44
C SER A 52 -7.83 5.28 33.45
N ILE A 53 -7.47 5.20 32.17
CA ILE A 53 -8.42 5.57 31.14
C ILE A 53 -9.39 4.37 30.92
N ALA A 54 -10.69 4.67 30.83
CA ALA A 54 -11.69 3.70 30.41
C ALA A 54 -11.64 3.57 28.90
N TRP A 55 -11.94 2.36 28.42
CA TRP A 55 -12.17 2.10 27.04
C TRP A 55 -13.47 1.29 26.87
N PRO A 56 -14.34 1.70 25.94
CA PRO A 56 -14.24 2.78 24.92
C PRO A 56 -14.45 4.19 25.45
N VAL A 57 -13.88 5.18 24.77
CA VAL A 57 -14.10 6.58 25.14
C VAL A 57 -15.18 7.09 24.17
N ALA A 58 -16.20 7.81 24.65
CA ALA A 58 -17.29 8.20 23.78
C ALA A 58 -16.79 9.28 22.83
N ARG A 59 -17.15 9.07 21.59
CA ARG A 59 -16.99 10.05 20.57
C ARG A 59 -18.19 10.96 20.51
N THR A 60 -18.01 12.21 20.91
CA THR A 60 -19.11 13.13 21.05
C THR A 60 -19.04 14.39 20.15
N PRO A 62 -18.90 15.48 15.92
CA PRO A 62 -18.88 14.87 14.55
C PRO A 62 -17.52 15.03 13.79
N PHE A 63 -16.83 16.09 14.11
CA PHE A 63 -15.70 16.58 13.28
C PHE A 63 -14.33 16.39 13.92
N SER A 64 -14.31 15.69 15.02
CA SER A 64 -13.12 15.66 15.86
C SER A 64 -13.21 14.46 16.82
N PRO A 65 -12.14 13.66 16.91
CA PRO A 65 -12.19 12.55 17.80
C PRO A 65 -12.02 13.02 19.23
N PRO A 66 -12.15 12.13 20.19
CA PRO A 66 -12.07 12.61 21.57
C PRO A 66 -10.76 13.35 21.89
N GLU A 67 -10.84 14.38 22.69
CA GLU A 67 -9.69 15.26 22.94
C GLU A 67 -8.48 14.50 23.52
N GLN A 68 -8.75 13.46 24.29
CA GLN A 68 -7.67 12.74 24.89
C GLN A 68 -6.80 12.13 23.82
N TYR A 69 -7.31 11.88 22.61
CA TYR A 69 -6.53 11.17 21.62
C TYR A 69 -5.20 11.92 21.34
N ALA A 70 -5.25 13.25 21.34
CA ALA A 70 -4.07 14.09 21.10
C ALA A 70 -3.02 13.92 22.17
N ALA A 71 -3.46 13.93 23.41
CA ALA A 71 -2.58 13.73 24.55
C ALA A 71 -1.90 12.38 24.52
N LEU A 72 -2.65 11.31 24.19
CA LEU A 72 -2.06 10.00 24.04
C LEU A 72 -1.02 9.94 22.99
N ARG A 73 -1.32 10.50 21.78
CA ARG A 73 -0.34 10.44 20.72
C ARG A 73 0.92 11.17 21.25
N ALA A 74 0.77 12.31 21.93
CA ALA A 74 1.94 13.14 22.25
C ALA A 74 2.67 12.47 23.43
N GLU A 75 1.92 12.12 24.49
CA GLU A 75 2.48 11.75 25.77
C GLU A 75 2.47 10.26 26.10
N GLU A 76 1.65 9.46 25.42
CA GLU A 76 1.43 8.09 25.86
C GLU A 76 1.06 7.19 24.74
N PRO A 77 1.98 6.97 23.80
CA PRO A 77 1.48 6.36 22.57
C PRO A 77 1.13 4.90 22.63
N ILE A 78 1.61 4.24 23.66
CA ILE A 78 1.26 2.81 23.97
C ILE A 78 0.66 2.91 25.37
N ALA A 79 -0.66 3.09 25.43
CA ALA A 79 -1.26 3.52 26.64
C ALA A 79 -2.00 2.33 27.22
N ARG A 80 -1.79 2.13 28.52
CA ARG A 80 -2.47 1.06 29.26
C ARG A 80 -3.84 1.52 29.66
N ALA A 81 -4.85 0.77 29.29
CA ALA A 81 -6.18 1.15 29.68
C ALA A 81 -6.90 -0.11 30.21
N GLU A 82 -8.18 0.09 30.57
CA GLU A 82 -9.01 -0.99 31.15
C GLU A 82 -10.41 -1.09 30.58
N LEU A 83 -10.83 -2.30 30.32
CA LEU A 83 -12.18 -2.56 29.83
C LEU A 83 -13.25 -2.53 30.97
N TRP A 84 -14.53 -2.59 30.58
CA TRP A 84 -15.68 -2.62 31.53
C TRP A 84 -15.43 -3.44 32.80
N ASP A 85 -14.73 -4.56 32.67
CA ASP A 85 -14.45 -5.43 33.79
C ASP A 85 -12.96 -5.42 34.18
N GLY A 86 -12.30 -4.25 34.04
CA GLY A 86 -10.85 -4.13 34.30
C GLY A 86 -9.91 -5.05 33.51
N ALA A 87 -10.30 -5.77 32.47
CA ALA A 87 -9.24 -6.48 31.70
C ALA A 87 -8.32 -5.39 31.10
N PRO A 88 -7.05 -5.73 30.87
CA PRO A 88 -6.12 -4.71 30.45
C PRO A 88 -6.10 -4.63 28.93
N VAL A 89 -6.05 -3.40 28.42
CA VAL A 89 -5.92 -3.22 26.98
C VAL A 89 -4.86 -2.15 26.66
N TRP A 90 -4.17 -2.31 25.55
CA TRP A 90 -3.29 -1.23 25.11
C TRP A 90 -3.95 -0.40 23.97
N LEU A 91 -3.95 0.94 24.17
CA LEU A 91 -4.40 1.93 23.15
C LEU A 91 -3.17 2.42 22.31
N ILE A 92 -3.20 2.15 21.01
CA ILE A 92 -2.21 2.50 20.03
C ILE A 92 -2.72 3.67 19.12
N SER A 93 -2.06 4.85 19.24
CA SER A 93 -2.53 6.09 18.69
C SER A 93 -1.69 6.73 17.54
N ARG A 94 -0.43 6.30 17.34
CA ARG A 94 0.42 6.87 16.27
C ARG A 94 0.34 6.10 15.08
N GLN A 95 0.41 6.76 13.93
CA GLN A 95 0.35 6.00 12.71
C GLN A 95 1.44 4.95 12.56
N ASP A 96 2.67 5.25 12.98
N ASP A 96 2.65 5.26 13.00
CA ASP A 96 3.77 4.26 12.75
CA ASP A 96 3.75 4.28 12.80
C ASP A 96 3.50 2.98 13.58
C ASP A 96 3.45 2.99 13.56
N HIS A 97 3.04 3.14 14.82
CA HIS A 97 2.74 1.98 15.70
C HIS A 97 1.50 1.26 15.30
N VAL A 98 0.46 2.01 14.85
CA VAL A 98 -0.77 1.36 14.27
C VAL A 98 -0.42 0.51 13.12
N ARG A 99 0.40 0.99 12.21
CA ARG A 99 0.67 0.12 11.03
C ARG A 99 1.58 -1.07 11.36
N ALA A 100 2.63 -0.78 12.10
CA ALA A 100 3.60 -1.87 12.45
C ALA A 100 2.87 -3.01 13.20
N LEU A 101 2.07 -2.68 14.21
CA LEU A 101 1.40 -3.69 14.98
C LEU A 101 0.29 -4.37 14.18
N LEU A 102 -0.51 -3.65 13.38
CA LEU A 102 -1.55 -4.31 12.62
C LEU A 102 -0.98 -5.23 11.58
N ALA A 103 0.22 -4.93 11.08
CA ALA A 103 0.87 -5.89 10.12
C ALA A 103 1.74 -6.99 10.76
N ASP A 104 1.76 -7.10 12.08
CA ASP A 104 2.75 -7.91 12.78
C ASP A 104 2.15 -9.30 13.04
N PRO A 105 2.93 -10.37 12.80
CA PRO A 105 2.31 -11.72 12.93
C PRO A 105 2.03 -12.15 14.35
N ARG A 106 2.42 -11.38 15.35
CA ARG A 106 2.06 -11.64 16.73
C ARG A 106 0.76 -11.02 17.16
N VAL A 107 0.06 -10.35 16.23
CA VAL A 107 -1.23 -9.67 16.52
C VAL A 107 -2.35 -10.42 15.90
N SER A 108 -3.35 -10.74 16.72
CA SER A 108 -4.41 -11.67 16.29
C SER A 108 -5.79 -11.03 16.44
N ILE A 109 -6.59 -11.34 15.44
CA ILE A 109 -8.03 -10.98 15.43
C ILE A 109 -8.94 -12.15 15.94
N HIS A 110 -8.32 -13.28 16.24
CA HIS A 110 -9.08 -14.48 16.63
C HIS A 110 -10.05 -14.21 17.79
N PRO A 111 -11.34 -14.52 17.59
CA PRO A 111 -12.39 -14.06 18.50
C PRO A 111 -12.32 -14.59 19.96
N ALA A 112 -11.68 -15.73 20.15
CA ALA A 112 -11.56 -16.29 21.50
C ALA A 112 -10.74 -15.39 22.43
N LYS A 113 -9.72 -14.67 21.94
CA LYS A 113 -8.93 -13.80 22.87
C LYS A 113 -9.15 -12.31 22.68
N LEU A 114 -10.14 -11.96 21.88
CA LEU A 114 -10.34 -10.57 21.48
C LEU A 114 -10.87 -9.85 22.66
N PRO A 115 -10.38 -8.65 22.90
CA PRO A 115 -10.96 -7.89 23.98
C PRO A 115 -12.47 -7.59 23.80
N ARG A 116 -13.24 -7.60 24.88
CA ARG A 116 -14.70 -7.54 24.80
C ARG A 116 -15.24 -6.41 25.58
N LEU A 117 -16.26 -5.75 25.05
CA LEU A 117 -16.74 -4.47 25.62
C LEU A 117 -17.91 -4.62 26.55
N SER A 118 -18.41 -5.84 26.72
CA SER A 118 -19.47 -6.12 27.76
C SER A 118 -19.49 -7.61 28.14
N PRO A 119 -20.24 -7.99 29.21
CA PRO A 119 -20.38 -9.44 29.48
C PRO A 119 -20.96 -10.20 28.33
N SER A 120 -21.79 -9.58 27.47
CA SER A 120 -22.45 -10.32 26.36
C SER A 120 -21.74 -10.19 24.96
N ASP A 121 -20.73 -9.32 24.89
CA ASP A 121 -19.96 -9.19 23.67
C ASP A 121 -19.20 -10.45 23.47
N GLY A 122 -19.36 -11.09 22.31
CA GLY A 122 -18.85 -12.38 22.04
C GLY A 122 -20.01 -13.36 21.76
N GLU A 123 -21.22 -13.06 22.27
CA GLU A 123 -22.37 -13.95 21.98
C GLU A 123 -22.68 -13.85 20.51
N ALA A 124 -23.07 -14.99 19.94
CA ALA A 124 -23.44 -15.13 18.53
C ALA A 124 -22.32 -14.75 17.59
N GLU A 125 -21.09 -15.11 17.94
CA GLU A 125 -19.89 -14.76 17.24
C GLU A 125 -19.81 -15.63 16.07
N ALA A 126 -19.29 -15.10 14.99
CA ALA A 126 -19.13 -15.86 13.80
C ALA A 126 -17.86 -16.71 13.85
N SER A 127 -17.69 -17.66 12.95
CA SER A 127 -16.44 -18.39 12.89
C SER A 127 -15.63 -18.32 11.60
N ARG A 128 -16.28 -17.97 10.49
CA ARG A 128 -15.54 -17.91 9.24
C ARG A 128 -15.62 -16.54 8.64
N SER A 129 -16.07 -15.55 9.38
CA SER A 129 -16.02 -14.18 8.85
C SER A 129 -14.57 -13.79 8.64
N LEU A 130 -14.30 -12.98 7.61
CA LEU A 130 -12.96 -12.42 7.43
C LEU A 130 -12.48 -11.74 8.71
N LEU A 131 -13.38 -11.10 9.41
CA LEU A 131 -13.06 -10.43 10.66
C LEU A 131 -12.89 -11.28 11.95
N THR A 132 -12.86 -12.60 11.78
CA THR A 132 -12.60 -13.59 12.83
C THR A 132 -11.54 -14.59 12.47
N LEU A 133 -10.91 -14.43 11.28
CA LEU A 133 -9.87 -15.35 10.78
C LEU A 133 -8.45 -14.73 10.73
N ASP A 134 -7.46 -15.44 11.28
CA ASP A 134 -6.02 -15.08 11.18
C ASP A 134 -5.51 -15.83 10.00
N PRO A 135 -4.35 -15.41 9.44
CA PRO A 135 -3.67 -16.19 8.41
C PRO A 135 -3.42 -17.57 8.96
N PRO A 136 -3.37 -18.58 8.10
CA PRO A 136 -3.48 -18.53 6.65
C PRO A 136 -4.89 -18.62 6.14
N ASP A 137 -5.83 -19.02 6.99
CA ASP A 137 -7.21 -19.21 6.56
C ASP A 137 -7.72 -17.89 5.98
N HIS A 138 -7.40 -16.79 6.64
CA HIS A 138 -7.90 -15.49 6.22
C HIS A 138 -7.72 -15.19 4.76
N GLY A 139 -6.52 -15.41 4.26
CA GLY A 139 -6.21 -15.09 2.85
C GLY A 139 -6.70 -16.07 1.85
N ALA A 140 -6.74 -17.33 2.26
CA ALA A 140 -7.35 -18.34 1.42
C ALA A 140 -8.80 -17.93 1.15
N LEU A 141 -9.50 -17.52 2.20
CA LEU A 141 -10.90 -17.14 2.00
C LEU A 141 -10.99 -15.80 1.28
N ARG A 142 -10.17 -14.83 1.68
CA ARG A 142 -10.32 -13.48 1.09
C ARG A 142 -10.03 -13.55 -0.40
N GLY A 143 -9.19 -14.50 -0.79
CA GLY A 143 -8.89 -14.75 -2.21
C GLY A 143 -10.10 -15.06 -3.04
N HIS A 144 -11.13 -15.66 -2.46
CA HIS A 144 -12.33 -15.91 -3.22
C HIS A 144 -13.10 -14.65 -3.49
N PHE A 145 -12.96 -13.64 -2.65
CA PHE A 145 -13.79 -12.44 -2.81
C PHE A 145 -13.08 -11.33 -3.56
N ILE A 146 -11.76 -11.35 -3.58
CA ILE A 146 -11.05 -10.21 -4.21
C ILE A 146 -11.44 -9.85 -5.63
N PRO A 147 -11.81 -10.81 -6.50
CA PRO A 147 -12.18 -10.39 -7.85
C PRO A 147 -13.41 -9.47 -7.92
N GLU A 148 -14.23 -9.52 -6.90
CA GLU A 148 -15.46 -8.73 -6.92
C GLU A 148 -15.14 -7.30 -6.54
N PHE A 149 -13.93 -7.05 -6.02
CA PHE A 149 -13.58 -5.74 -5.41
C PHE A 149 -12.35 -5.00 -5.97
N GLY A 150 -11.75 -5.51 -7.05
CA GLY A 150 -10.60 -4.88 -7.62
C GLY A 150 -10.97 -3.65 -8.42
N LEU A 151 -9.95 -2.93 -8.85
CA LEU A 151 -10.15 -1.78 -9.67
C LEU A 151 -10.94 -2.13 -10.92
N ARG A 152 -10.59 -3.24 -11.55
CA ARG A 152 -11.28 -3.64 -12.77
C ARG A 152 -12.76 -3.59 -12.46
N ARG A 153 -13.20 -4.46 -11.57
CA ARG A 153 -14.60 -4.62 -11.31
C ARG A 153 -15.24 -3.30 -10.83
N VAL A 154 -14.55 -2.55 -9.97
CA VAL A 154 -15.13 -1.31 -9.46
C VAL A 154 -15.45 -0.26 -10.54
N ARG A 155 -14.54 -0.07 -11.49
CA ARG A 155 -14.81 0.76 -12.62
C ARG A 155 -15.96 0.22 -13.49
N GLU A 156 -16.08 -1.08 -13.61
CA GLU A 156 -17.23 -1.65 -14.29
C GLU A 156 -18.55 -1.27 -13.65
N LEU A 157 -18.56 -1.09 -12.33
CA LEU A 157 -19.78 -0.84 -11.60
C LEU A 157 -20.18 0.59 -11.56
N ARG A 158 -19.24 1.48 -11.82
CA ARG A 158 -19.47 2.90 -11.69
C ARG A 158 -20.70 3.48 -12.44
N PRO A 159 -21.01 2.97 -13.60
CA PRO A 159 -22.21 3.49 -14.29
C PRO A 159 -23.51 3.19 -13.59
N SER A 160 -23.62 2.00 -13.01
CA SER A 160 -24.72 1.71 -12.07
C SER A 160 -24.85 2.67 -10.96
N VAL A 161 -23.72 2.94 -10.29
CA VAL A 161 -23.77 3.84 -9.17
C VAL A 161 -24.24 5.20 -9.64
N GLU A 162 -23.71 5.64 -10.76
CA GLU A 162 -24.14 6.97 -11.25
C GLU A 162 -25.65 7.02 -11.57
N GLN A 163 -26.16 5.95 -12.14
CA GLN A 163 -27.58 5.89 -12.45
C GLN A 163 -28.39 5.90 -11.12
N ILE A 164 -27.93 5.14 -10.11
CA ILE A 164 -28.63 5.10 -8.85
C ILE A 164 -28.71 6.45 -8.22
N VAL A 165 -27.54 7.08 -8.18
CA VAL A 165 -27.43 8.41 -7.62
C VAL A 165 -28.30 9.43 -8.36
N THR A 166 -28.31 9.35 -9.67
CA THR A 166 -29.09 10.31 -10.48
C THR A 166 -30.63 10.13 -10.28
N GLY A 167 -31.09 8.87 -10.22
CA GLY A 167 -32.52 8.57 -10.02
C GLY A 167 -32.94 9.09 -8.67
N LEU A 168 -32.07 8.90 -7.69
CA LEU A 168 -32.42 9.35 -6.36
C LEU A 168 -32.56 10.86 -6.31
N LEU A 169 -31.65 11.58 -6.93
CA LEU A 169 -31.68 13.01 -6.83
C LEU A 169 -32.81 13.60 -7.71
N ASP A 170 -33.14 12.89 -8.77
CA ASP A 170 -34.33 13.27 -9.60
C ASP A 170 -35.62 13.29 -8.73
N ASP A 171 -35.88 12.17 -8.06
CA ASP A 171 -37.01 12.08 -7.12
C ASP A 171 -36.95 13.08 -6.07
N LEU A 172 -35.79 13.16 -5.43
CA LEU A 172 -35.67 14.09 -4.35
C LEU A 172 -35.98 15.54 -4.76
N THR A 173 -35.38 15.99 -5.86
CA THR A 173 -35.59 17.39 -6.27
C THR A 173 -37.04 17.61 -6.75
N ALA A 174 -37.60 16.62 -7.45
CA ALA A 174 -39.02 16.66 -7.90
C ALA A 174 -39.95 16.80 -6.72
N ARG A 175 -39.72 16.02 -5.67
CA ARG A 175 -40.65 15.96 -4.54
C ARG A 175 -40.64 17.18 -3.69
N GLY A 176 -39.54 17.90 -3.59
CA GLY A 176 -39.48 18.97 -2.59
C GLY A 176 -38.14 19.68 -2.55
N ASP A 177 -37.94 20.51 -1.57
CA ASP A 177 -36.63 21.11 -1.43
C ASP A 177 -35.99 20.86 -0.05
N GLU A 178 -36.41 19.76 0.62
CA GLU A 178 -35.99 19.42 1.99
C GLU A 178 -35.91 17.92 2.09
N ALA A 179 -35.07 17.45 3.01
CA ALA A 179 -34.92 16.04 3.17
C ALA A 179 -34.00 15.72 4.29
N ASP A 180 -33.98 14.44 4.61
CA ASP A 180 -33.01 13.85 5.53
C ASP A 180 -32.03 13.16 4.64
N LEU A 181 -30.81 13.69 4.58
CA LEU A 181 -29.90 13.17 3.52
C LEU A 181 -29.49 11.76 3.72
N LEU A 182 -29.41 11.36 4.98
CA LEU A 182 -29.08 9.93 5.23
C LEU A 182 -30.24 9.03 4.76
N ALA A 183 -31.40 9.22 5.35
CA ALA A 183 -32.58 8.36 5.05
C ALA A 183 -33.05 8.51 3.62
N ASP A 184 -32.98 9.70 3.04
CA ASP A 184 -33.54 9.87 1.69
C ASP A 184 -32.50 9.75 0.57
N PHE A 185 -31.20 9.71 0.88
CA PHE A 185 -30.22 9.66 -0.21
C PHE A 185 -29.06 8.73 0.08
N ALA A 186 -28.33 9.02 1.13
CA ALA A 186 -27.11 8.17 1.40
C ALA A 186 -27.40 6.70 1.64
N LEU A 187 -28.36 6.44 2.54
CA LEU A 187 -28.69 5.04 2.83
C LEU A 187 -29.27 4.27 1.66
N PRO A 188 -30.27 4.87 0.96
CA PRO A 188 -30.69 4.17 -0.20
C PRO A 188 -29.64 4.05 -1.23
N MET A 189 -28.77 5.06 -1.44
CA MET A 189 -27.73 4.74 -2.50
C MET A 189 -26.90 3.55 -2.11
N ALA A 190 -26.36 3.61 -0.87
CA ALA A 190 -25.44 2.58 -0.41
C ALA A 190 -26.09 1.19 -0.41
N THR A 191 -27.36 1.14 -0.02
CA THR A 191 -28.05 -0.15 0.06
C THR A 191 -28.29 -0.67 -1.32
N GLN A 192 -28.73 0.21 -2.21
CA GLN A 192 -28.95 -0.31 -3.56
C GLN A 192 -27.69 -0.86 -4.20
N VAL A 193 -26.54 -0.20 -3.95
CA VAL A 193 -25.32 -0.66 -4.54
C VAL A 193 -25.00 -2.01 -4.01
N ILE A 194 -25.07 -2.19 -2.69
CA ILE A 194 -24.66 -3.48 -2.17
C ILE A 194 -25.69 -4.55 -2.53
N CYS A 195 -26.98 -4.16 -2.55
CA CYS A 195 -28.01 -5.13 -3.00
C CYS A 195 -27.72 -5.60 -4.42
N ARG A 196 -27.30 -4.69 -5.30
CA ARG A 196 -26.97 -5.13 -6.69
C ARG A 196 -25.75 -6.01 -6.75
N LEU A 197 -24.71 -5.63 -6.03
CA LEU A 197 -23.49 -6.41 -6.07
C LEU A 197 -23.69 -7.79 -5.53
N LEU A 198 -24.40 -7.90 -4.43
CA LEU A 198 -24.58 -9.23 -3.79
C LEU A 198 -25.75 -10.05 -4.37
N ASP A 199 -26.74 -9.36 -4.93
CA ASP A 199 -28.04 -9.92 -5.40
C ASP A 199 -28.85 -10.26 -4.19
N ILE A 200 -29.31 -9.20 -3.52
CA ILE A 200 -30.12 -9.29 -2.30
C ILE A 200 -31.34 -8.36 -2.50
N PRO A 201 -32.56 -8.85 -2.16
CA PRO A 201 -33.73 -8.04 -2.48
C PRO A 201 -33.74 -6.66 -1.87
N TYR A 202 -33.77 -5.64 -2.71
CA TYR A 202 -33.71 -4.27 -2.15
C TYR A 202 -34.97 -4.02 -1.30
N GLU A 203 -36.02 -4.77 -1.65
CA GLU A 203 -37.30 -4.77 -0.96
C GLU A 203 -37.22 -5.12 0.52
N ASP A 204 -36.19 -5.84 0.96
CA ASP A 204 -36.11 -6.21 2.37
C ASP A 204 -35.32 -5.20 3.20
N ARG A 205 -34.97 -4.08 2.56
CA ARG A 205 -34.11 -3.08 3.21
C ARG A 205 -34.53 -2.69 4.65
N ASP A 206 -35.81 -2.49 4.92
CA ASP A 206 -36.28 -2.10 6.24
C ASP A 206 -35.80 -3.07 7.27
N TYR A 207 -35.98 -4.35 6.92
CA TYR A 207 -35.62 -5.44 7.78
C TYR A 207 -34.09 -5.40 8.11
N PHE A 208 -33.23 -5.54 7.08
CA PHE A 208 -31.81 -5.65 7.31
C PHE A 208 -31.13 -4.35 7.70
N GLN A 209 -31.71 -3.19 7.39
CA GLN A 209 -31.04 -1.91 7.80
C GLN A 209 -31.14 -1.63 9.29
N GLU A 210 -32.33 -1.78 9.86
CA GLU A 210 -32.49 -1.58 11.30
C GLU A 210 -31.72 -2.64 12.08
N ARG A 211 -31.69 -3.86 11.59
CA ARG A 211 -30.94 -4.90 12.28
C ARG A 211 -29.46 -4.62 12.26
N THR A 212 -28.95 -4.29 11.06
CA THR A 212 -27.53 -3.92 10.94
C THR A 212 -27.11 -2.89 11.91
N GLU A 213 -27.89 -1.83 11.99
CA GLU A 213 -27.55 -0.77 12.84
C GLU A 213 -27.48 -1.19 14.30
N GLN A 214 -28.36 -2.12 14.70
CA GLN A 214 -28.43 -2.51 16.12
C GLN A 214 -27.35 -3.48 16.38
N ALA A 215 -27.10 -4.36 15.40
CA ALA A 215 -26.13 -5.39 15.60
C ALA A 215 -24.71 -4.82 15.74
N THR A 216 -24.45 -3.66 15.14
CA THR A 216 -23.09 -3.14 15.11
C THR A 216 -22.73 -2.24 16.27
N ARG A 217 -23.42 -2.40 17.39
CA ARG A 217 -23.13 -1.71 18.60
C ARG A 217 -22.54 -2.74 19.55
N PRO A 218 -21.17 -2.86 19.58
CA PRO A 218 -20.54 -3.97 20.26
C PRO A 218 -20.70 -4.08 21.78
N ALA A 219 -20.92 -2.98 22.48
CA ALA A 219 -21.17 -2.97 23.90
C ALA A 219 -22.66 -3.03 24.27
N ALA A 220 -23.56 -3.14 23.30
CA ALA A 220 -24.98 -2.97 23.56
C ALA A 220 -25.59 -4.29 24.09
N GLY A 221 -26.78 -4.19 24.68
CA GLY A 221 -27.43 -5.34 25.39
C GLY A 221 -28.25 -6.20 24.44
N GLU A 222 -29.37 -6.75 24.94
CA GLU A 222 -30.03 -7.87 24.22
C GLU A 222 -30.64 -7.45 22.86
N GLU A 223 -31.07 -6.21 22.74
CA GLU A 223 -31.56 -5.67 21.45
C GLU A 223 -30.49 -5.81 20.37
N ALA A 224 -29.22 -5.58 20.72
CA ALA A 224 -28.15 -5.71 19.73
C ALA A 224 -27.97 -7.16 19.38
N LEU A 225 -28.01 -8.00 20.42
CA LEU A 225 -27.85 -9.44 20.19
C LEU A 225 -29.01 -10.07 19.41
N GLU A 226 -30.24 -9.72 19.75
CA GLU A 226 -31.35 -10.22 18.94
C GLU A 226 -31.26 -9.76 17.50
N ALA A 227 -30.78 -8.54 17.29
CA ALA A 227 -30.66 -8.03 15.88
C ALA A 227 -29.67 -8.85 15.10
N LEU A 228 -28.57 -9.20 15.73
CA LEU A 228 -27.57 -9.97 15.03
C LEU A 228 -28.04 -11.35 14.74
N LEU A 229 -28.59 -12.03 15.76
CA LEU A 229 -29.26 -13.34 15.48
C LEU A 229 -30.25 -13.25 14.30
N GLU A 230 -31.12 -12.24 14.29
CA GLU A 230 -32.09 -12.13 13.20
C GLU A 230 -31.43 -11.77 11.87
N LEU A 231 -30.45 -10.86 11.92
CA LEU A 231 -29.68 -10.62 10.72
C LEU A 231 -29.08 -11.89 10.15
N ARG A 232 -28.40 -12.67 10.97
CA ARG A 232 -27.80 -13.90 10.44
C ARG A 232 -28.92 -14.86 9.90
N ASP A 233 -30.09 -14.92 10.57
CA ASP A 233 -31.21 -15.80 10.03
C ASP A 233 -31.72 -15.25 8.70
N TYR A 234 -31.74 -13.92 8.54
CA TYR A 234 -32.15 -13.34 7.24
C TYR A 234 -31.23 -13.83 6.11
N LEU A 235 -29.92 -13.74 6.31
CA LEU A 235 -29.03 -14.19 5.22
C LEU A 235 -29.15 -15.68 5.04
N ASP A 236 -29.35 -16.40 6.14
CA ASP A 236 -29.46 -17.89 6.00
C ASP A 236 -30.73 -18.23 5.17
N ARG A 237 -31.85 -17.54 5.41
CA ARG A 237 -33.04 -17.69 4.59
C ARG A 237 -32.75 -17.40 3.11
N LEU A 238 -32.05 -16.28 2.84
CA LEU A 238 -31.69 -15.97 1.43
C LEU A 238 -30.79 -17.06 0.84
N ILE A 239 -29.82 -17.56 1.60
CA ILE A 239 -28.98 -18.62 1.05
C ILE A 239 -29.77 -19.88 0.78
N SER A 240 -30.61 -20.32 1.75
CA SER A 240 -31.41 -21.55 1.50
C SER A 240 -32.30 -21.36 0.27
N GLY A 241 -32.67 -20.13 -0.06
CA GLY A 241 -33.47 -19.89 -1.29
C GLY A 241 -32.77 -20.15 -2.63
N LYS A 242 -31.45 -19.95 -2.72
CA LYS A 242 -30.70 -20.17 -3.98
C LYS A 242 -30.57 -21.68 -4.23
N THR A 243 -30.50 -22.40 -3.13
CA THR A 243 -30.43 -23.87 -3.12
C THR A 243 -31.82 -24.43 -3.44
N GLY A 248 -27.85 -18.27 -7.92
CA GLY A 248 -27.44 -18.03 -9.32
C GLY A 248 -26.61 -16.75 -9.51
N ASP A 249 -27.29 -15.59 -9.59
CA ASP A 249 -26.67 -14.25 -9.79
C ASP A 249 -26.07 -13.55 -8.55
N GLY A 250 -25.26 -12.52 -8.84
CA GLY A 250 -24.66 -11.71 -7.82
C GLY A 250 -23.53 -12.42 -7.13
N MET A 251 -22.83 -11.69 -6.31
CA MET A 251 -21.81 -12.34 -5.52
C MET A 251 -22.40 -13.47 -4.63
N LEU A 252 -23.57 -13.27 -4.04
CA LEU A 252 -24.15 -14.31 -3.17
C LEU A 252 -24.50 -15.59 -3.95
N GLY A 253 -25.03 -15.45 -5.16
CA GLY A 253 -25.17 -16.61 -6.06
C GLY A 253 -23.84 -17.31 -6.30
N SER A 254 -22.80 -16.51 -6.55
CA SER A 254 -21.50 -17.09 -6.85
C SER A 254 -20.92 -17.83 -5.62
N MET A 255 -21.08 -17.24 -4.45
CA MET A 255 -20.62 -17.87 -3.21
C MET A 255 -21.43 -19.19 -2.96
N VAL A 256 -22.71 -19.16 -3.27
CA VAL A 256 -23.52 -20.34 -3.06
C VAL A 256 -23.00 -21.43 -3.95
N ALA A 257 -22.75 -21.10 -5.22
CA ALA A 257 -22.17 -22.09 -6.15
C ALA A 257 -20.88 -22.70 -5.59
N GLN A 258 -19.92 -21.86 -5.23
CA GLN A 258 -18.62 -22.34 -4.76
C GLN A 258 -18.70 -23.24 -3.56
N ALA A 259 -19.76 -23.10 -2.76
CA ALA A 259 -20.02 -24.03 -1.66
C ALA A 259 -20.59 -25.38 -2.10
N ARG A 260 -21.30 -25.40 -3.24
CA ARG A 260 -21.73 -26.64 -3.87
C ARG A 260 -20.56 -27.43 -4.48
N GLY A 261 -19.72 -26.78 -5.29
CA GLY A 261 -18.41 -27.35 -5.60
C GLY A 261 -17.78 -27.52 -4.24
N GLY A 262 -16.62 -28.16 -4.17
CA GLY A 262 -16.03 -28.40 -2.85
C GLY A 262 -15.58 -27.16 -2.09
N GLY A 263 -15.72 -25.99 -2.70
CA GLY A 263 -14.88 -24.81 -2.45
C GLY A 263 -15.03 -23.97 -1.21
N LEU A 264 -16.24 -23.74 -0.72
CA LEU A 264 -16.46 -22.96 0.54
C LEU A 264 -17.38 -23.71 1.48
N SER A 265 -17.20 -23.55 2.79
CA SER A 265 -18.16 -24.07 3.76
C SER A 265 -19.42 -23.24 3.84
N HIS A 266 -20.44 -23.75 4.53
CA HIS A 266 -21.70 -23.02 4.67
C HIS A 266 -21.43 -21.81 5.53
N ALA A 267 -20.62 -21.97 6.58
CA ALA A 267 -20.26 -20.84 7.41
C ALA A 267 -19.36 -19.79 6.64
N ASP A 268 -18.44 -20.23 5.77
CA ASP A 268 -17.73 -19.26 4.89
C ASP A 268 -18.78 -18.42 4.21
N VAL A 269 -19.87 -19.04 3.81
CA VAL A 269 -20.81 -18.31 3.00
C VAL A 269 -21.70 -17.41 3.83
N LEU A 270 -22.21 -17.94 4.94
CA LEU A 270 -23.13 -17.20 5.75
C LEU A 270 -22.40 -16.03 6.40
N ASP A 271 -21.27 -16.33 7.01
CA ASP A 271 -20.61 -15.33 7.86
C ASP A 271 -20.23 -14.06 7.05
N ASN A 272 -19.79 -14.30 5.81
CA ASN A 272 -19.34 -13.23 4.95
C ASN A 272 -20.44 -12.52 4.19
N ALA A 273 -21.53 -13.23 3.90
CA ALA A 273 -22.74 -12.54 3.48
C ALA A 273 -23.18 -11.53 4.47
N VAL A 274 -23.18 -11.92 5.75
CA VAL A 274 -23.63 -10.97 6.76
C VAL A 274 -22.65 -9.74 6.75
N LEU A 275 -21.36 -10.05 6.79
CA LEU A 275 -20.29 -9.00 6.83
C LEU A 275 -20.40 -8.13 5.61
N LEU A 276 -20.53 -8.69 4.43
CA LEU A 276 -20.53 -7.84 3.28
C LEU A 276 -21.78 -6.96 3.24
N LEU A 277 -22.92 -7.55 3.59
CA LEU A 277 -24.12 -6.76 3.53
C LEU A 277 -24.13 -5.69 4.54
N ALA A 278 -23.64 -5.97 5.73
CA ALA A 278 -23.73 -4.94 6.73
C ALA A 278 -22.68 -3.84 6.43
N ALA A 279 -21.45 -4.25 6.28
CA ALA A 279 -20.36 -3.27 6.07
C ALA A 279 -20.61 -2.50 4.78
N GLY A 280 -20.99 -3.23 3.74
CA GLY A 280 -21.45 -2.73 2.45
C GLY A 280 -22.35 -1.50 2.45
N HIS A 281 -23.33 -1.44 3.33
CA HIS A 281 -24.22 -0.33 3.29
C HIS A 281 -24.07 0.61 4.44
N GLU A 282 -23.77 0.11 5.64
CA GLU A 282 -23.70 1.00 6.81
C GLU A 282 -22.52 2.02 6.69
N THR A 283 -21.36 1.56 6.29
CA THR A 283 -20.16 2.44 6.21
C THR A 283 -20.34 3.51 5.13
N THR A 284 -20.68 3.08 3.93
CA THR A 284 -20.90 4.03 2.80
C THR A 284 -22.02 5.01 3.08
N ALA A 285 -23.14 4.54 3.67
CA ALA A 285 -24.20 5.50 4.04
C ALA A 285 -23.71 6.53 4.98
N SER A 286 -22.95 6.07 5.97
CA SER A 286 -22.50 7.06 6.96
C SER A 286 -21.46 8.07 6.39
N MET A 287 -20.54 7.52 5.66
CA MET A 287 -19.44 8.33 5.07
C MET A 287 -19.96 9.39 4.12
N VAL A 288 -20.84 8.97 3.21
CA VAL A 288 -21.54 9.96 2.39
C VAL A 288 -22.21 11.02 3.21
N THR A 289 -22.94 10.63 4.25
CA THR A 289 -23.69 11.61 5.02
C THR A 289 -22.75 12.54 5.68
N MET A 290 -21.81 11.95 6.37
CA MET A 290 -20.83 12.75 7.17
C MET A 290 -19.95 13.63 6.22
N SER A 291 -19.64 13.13 5.04
CA SER A 291 -18.79 13.90 4.09
C SER A 291 -19.56 15.16 3.64
N VAL A 292 -20.89 15.01 3.46
CA VAL A 292 -21.72 16.16 3.09
C VAL A 292 -21.78 17.08 4.22
N LEU A 293 -21.90 16.55 5.45
CA LEU A 293 -21.91 17.45 6.57
C LEU A 293 -20.63 18.31 6.65
N VAL A 294 -19.48 17.65 6.49
CA VAL A 294 -18.21 18.40 6.53
C VAL A 294 -18.18 19.49 5.40
N LEU A 295 -18.49 19.12 4.20
CA LEU A 295 -18.45 20.09 3.07
C LEU A 295 -19.39 21.27 3.28
N LEU A 296 -20.49 21.06 4.04
CA LEU A 296 -21.36 22.14 4.38
C LEU A 296 -20.74 23.04 5.38
N GLN A 297 -19.70 22.65 6.08
CA GLN A 297 -19.05 23.60 6.95
C GLN A 297 -17.92 24.34 6.16
N HIS A 298 -17.61 23.94 4.95
CA HIS A 298 -16.45 24.49 4.14
C HIS A 298 -16.88 25.02 2.78
N PRO A 299 -17.55 26.18 2.76
CA PRO A 299 -18.03 26.78 1.48
C PRO A 299 -16.92 27.01 0.40
N THR A 300 -15.70 27.28 0.86
CA THR A 300 -14.53 27.40 -0.05
C THR A 300 -14.32 26.08 -0.76
N ALA A 301 -14.18 24.99 -0.02
CA ALA A 301 -14.04 23.70 -0.61
C ALA A 301 -15.25 23.30 -1.45
N TRP A 302 -16.43 23.60 -0.94
CA TRP A 302 -17.67 23.34 -1.74
C TRP A 302 -17.55 23.97 -3.17
N ARG A 303 -17.22 25.25 -3.19
CA ARG A 303 -17.08 25.95 -4.53
C ARG A 303 -15.92 25.40 -5.33
N GLU A 304 -14.75 25.22 -4.67
CA GLU A 304 -13.59 24.68 -5.44
C GLU A 304 -13.85 23.36 -5.99
N LEU A 305 -14.55 22.48 -5.28
CA LEU A 305 -14.83 21.17 -5.89
C LEU A 305 -15.90 21.18 -6.96
N THR A 306 -16.84 22.14 -6.86
CA THR A 306 -17.85 22.27 -7.88
C THR A 306 -17.23 22.70 -9.22
N VAL A 307 -16.32 23.67 -9.15
CA VAL A 307 -15.54 24.20 -10.30
C VAL A 307 -14.46 23.22 -10.82
N ASN A 308 -13.75 22.55 -9.94
CA ASN A 308 -12.76 21.55 -10.41
C ASN A 308 -12.96 20.15 -9.80
N PRO A 309 -13.79 19.36 -10.44
CA PRO A 309 -14.06 18.00 -10.00
C PRO A 309 -12.83 17.10 -10.00
N GLY A 310 -11.76 17.53 -10.66
CA GLY A 310 -10.49 16.83 -10.60
C GLY A 310 -9.93 16.79 -9.19
N LEU A 311 -10.40 17.70 -8.32
CA LEU A 311 -10.06 17.72 -6.90
C LEU A 311 -10.72 16.60 -6.06
N LEU A 312 -11.66 15.87 -6.65
CA LEU A 312 -12.56 15.05 -5.87
C LEU A 312 -11.86 13.82 -5.35
N PRO A 313 -11.11 13.08 -6.17
CA PRO A 313 -10.39 11.94 -5.58
C PRO A 313 -9.55 12.29 -4.36
N GLY A 314 -8.84 13.42 -4.43
CA GLY A 314 -8.06 13.94 -3.30
C GLY A 314 -8.94 14.33 -2.11
N ALA A 315 -10.04 15.03 -2.33
CA ALA A 315 -10.92 15.37 -1.25
C ALA A 315 -11.55 14.14 -0.57
N VAL A 316 -11.84 13.11 -1.32
CA VAL A 316 -12.37 11.89 -0.76
C VAL A 316 -11.34 11.29 0.21
N ASP A 317 -10.03 11.28 -0.12
CA ASP A 317 -9.09 10.76 0.85
C ASP A 317 -9.04 11.65 2.02
N GLU A 318 -9.16 12.94 1.81
CA GLU A 318 -9.02 13.84 2.96
C GLU A 318 -10.28 13.73 3.90
N LEU A 319 -11.44 13.44 3.31
CA LEU A 319 -12.67 13.23 4.08
C LEU A 319 -12.50 11.89 4.86
N LEU A 320 -12.01 10.82 4.20
CA LEU A 320 -11.75 9.55 4.85
C LEU A 320 -10.86 9.74 6.04
N ARG A 321 -9.75 10.44 5.85
CA ARG A 321 -8.84 10.67 6.98
C ARG A 321 -9.47 11.45 8.05
N TYR A 322 -10.09 12.58 7.65
CA TYR A 322 -10.55 13.50 8.64
C TYR A 322 -11.69 12.96 9.57
N LEU A 323 -12.59 12.27 8.93
CA LEU A 323 -13.83 11.79 9.58
C LEU A 323 -13.48 10.52 10.37
N SER A 324 -12.76 9.58 9.74
CA SER A 324 -12.26 8.38 10.39
C SER A 324 -13.46 7.69 11.13
N ILE A 325 -14.47 7.30 10.37
CA ILE A 325 -15.69 6.79 10.95
C ILE A 325 -15.51 5.38 11.61
N ALA A 326 -14.52 4.65 11.15
CA ALA A 326 -14.04 3.44 11.73
C ALA A 326 -12.88 3.72 12.63
N ASP A 327 -13.04 3.36 13.91
CA ASP A 327 -12.06 3.67 14.98
C ASP A 327 -12.08 2.51 15.98
N GLY A 328 -11.01 2.35 16.72
CA GLY A 328 -10.93 1.42 17.82
C GLY A 328 -10.91 -0.04 17.47
N LEU A 329 -10.14 -0.44 16.47
CA LEU A 329 -10.13 -1.81 16.01
C LEU A 329 -9.52 -2.68 17.11
N ARG A 330 -9.95 -3.93 17.22
CA ARG A 330 -9.56 -4.71 18.37
C ARG A 330 -8.74 -5.87 17.94
N ARG A 331 -7.67 -6.10 18.72
CA ARG A 331 -6.84 -7.28 18.49
C ARG A 331 -6.37 -7.78 19.85
N SER A 332 -5.69 -8.90 19.82
CA SER A 332 -4.87 -9.31 20.94
C SER A 332 -3.48 -9.83 20.52
N ALA A 333 -2.59 -9.81 21.48
CA ALA A 333 -1.24 -10.29 21.20
C ALA A 333 -1.14 -11.78 21.60
N THR A 334 -0.62 -12.58 20.69
CA THR A 334 -0.34 -13.96 20.91
C THR A 334 1.12 -14.22 21.39
N ALA A 335 1.96 -13.20 21.47
CA ALA A 335 3.29 -13.31 22.07
C ALA A 335 3.65 -11.97 22.66
N ASP A 336 4.72 -11.93 23.44
CA ASP A 336 5.20 -10.69 24.04
C ASP A 336 5.68 -9.78 22.91
N ILE A 337 5.48 -8.47 23.07
CA ILE A 337 5.82 -7.52 21.98
C ILE A 337 6.47 -6.28 22.58
N GLU A 338 7.68 -5.95 22.12
CA GLU A 338 8.40 -4.80 22.65
C GLU A 338 8.27 -3.65 21.65
N ILE A 339 7.85 -2.49 22.12
CA ILE A 339 7.56 -1.35 21.25
C ILE A 339 7.58 -0.11 22.06
N ASP A 340 8.44 0.80 21.65
CA ASP A 340 8.54 2.12 22.28
C ASP A 340 8.74 2.09 23.77
N GLY A 341 9.65 1.24 24.26
CA GLY A 341 9.92 1.21 25.72
C GLY A 341 8.88 0.54 26.61
N HIS A 342 7.91 -0.15 25.99
CA HIS A 342 6.89 -0.91 26.72
C HIS A 342 6.85 -2.35 26.23
N THR A 343 6.37 -3.25 27.07
CA THR A 343 6.24 -4.65 26.61
C THR A 343 4.80 -5.03 26.73
N ILE A 344 4.20 -5.34 25.60
CA ILE A 344 2.85 -5.88 25.54
C ILE A 344 2.93 -7.41 25.78
N ARG A 345 2.10 -7.90 26.71
CA ARG A 345 2.22 -9.31 27.13
C ARG A 345 1.33 -10.18 26.27
N ALA A 346 1.77 -11.42 26.03
CA ALA A 346 0.97 -12.37 25.27
C ALA A 346 -0.42 -12.47 25.91
N GLY A 347 -1.48 -12.40 25.10
CA GLY A 347 -2.82 -12.34 25.66
C GLY A 347 -3.39 -10.93 25.89
N ASP A 348 -2.55 -9.90 25.99
CA ASP A 348 -3.09 -8.52 26.13
C ASP A 348 -3.92 -8.10 24.95
N GLY A 349 -4.89 -7.25 25.27
CA GLY A 349 -5.72 -6.70 24.26
C GLY A 349 -5.03 -5.49 23.67
N LEU A 350 -5.28 -5.28 22.36
CA LEU A 350 -4.88 -4.08 21.60
C LEU A 350 -6.08 -3.35 20.96
N VAL A 351 -6.06 -2.03 21.13
CA VAL A 351 -7.04 -1.17 20.53
C VAL A 351 -6.35 -0.10 19.61
N PHE A 352 -6.65 -0.16 18.31
CA PHE A 352 -6.08 0.76 17.28
C PHE A 352 -6.92 1.97 17.01
N LEU A 353 -6.46 3.10 17.55
CA LEU A 353 -7.17 4.35 17.40
C LEU A 353 -6.91 5.02 16.04
N LEU A 354 -7.50 4.46 15.01
CA LEU A 354 -7.38 4.92 13.64
C LEU A 354 -7.68 6.38 13.55
N ALA A 355 -8.65 6.86 14.34
CA ALA A 355 -9.00 8.31 14.23
C ALA A 355 -7.89 9.17 14.77
N ALA A 356 -7.21 8.69 15.81
CA ALA A 356 -6.00 9.36 16.33
C ALA A 356 -4.85 9.36 15.36
N ALA A 357 -4.54 8.20 14.82
CA ALA A 357 -3.52 8.01 13.89
C ALA A 357 -3.69 8.83 12.58
N ASN A 358 -4.96 9.10 12.25
CA ASN A 358 -5.26 9.87 11.07
C ASN A 358 -5.12 11.37 11.37
N ARG A 359 -4.87 11.72 12.61
CA ARG A 359 -4.44 13.07 12.98
C ARG A 359 -3.01 13.20 13.55
N ASP A 360 -2.15 12.33 13.10
CA ASP A 360 -0.80 12.21 13.67
C ASP A 360 0.02 13.38 13.08
N GLU A 361 0.44 14.31 13.94
CA GLU A 361 1.25 15.50 13.56
C GLU A 361 2.59 15.07 12.97
N ALA A 362 3.04 13.84 13.21
CA ALA A 362 4.25 13.39 12.52
C ALA A 362 4.03 13.11 11.06
N VAL A 363 2.78 13.02 10.62
CA VAL A 363 2.48 12.65 9.28
C VAL A 363 1.78 13.78 8.49
N PHE A 364 0.83 14.47 9.11
CA PHE A 364 -0.03 15.46 8.46
C PHE A 364 0.23 16.77 9.10
N SER A 365 0.61 17.82 8.35
CA SER A 365 0.67 19.13 9.04
C SER A 365 -0.77 19.63 9.25
N GLU A 366 -0.96 20.41 10.33
CA GLU A 366 -2.21 20.96 10.77
C GLU A 366 -3.26 19.85 10.73
N PRO A 367 -3.03 18.77 11.51
CA PRO A 367 -3.81 17.56 11.26
C PRO A 367 -5.31 17.72 11.59
N GLU A 368 -5.64 18.68 12.43
CA GLU A 368 -6.98 18.97 12.88
C GLU A 368 -7.70 19.81 11.80
N ALA A 369 -6.99 20.29 10.76
CA ALA A 369 -7.65 21.02 9.70
C ALA A 369 -8.09 20.12 8.62
N PHE A 370 -9.30 20.37 8.10
CA PHE A 370 -9.80 19.69 6.91
C PHE A 370 -9.29 20.53 5.75
N ASP A 371 -8.58 19.95 4.83
CA ASP A 371 -7.84 20.71 3.83
C ASP A 371 -7.74 19.86 2.62
N ILE A 372 -8.55 20.18 1.59
CA ILE A 372 -8.50 19.41 0.37
C ILE A 372 -7.23 19.71 -0.51
N HIS A 373 -6.39 20.60 -0.09
CA HIS A 373 -5.14 20.93 -0.84
C HIS A 373 -3.92 20.39 -0.12
N ARG A 374 -4.12 19.63 0.97
CA ARG A 374 -2.95 19.15 1.72
C ARG A 374 -2.12 18.20 0.83
N SER A 375 -0.82 18.08 1.08
CA SER A 375 -0.03 17.09 0.28
C SER A 375 -0.53 15.69 0.61
N ALA A 376 -0.52 14.83 -0.38
CA ALA A 376 -1.12 13.56 -0.28
C ALA A 376 -0.25 12.69 0.63
N ARG A 377 -0.87 12.08 1.65
CA ARG A 377 -0.20 11.21 2.57
C ARG A 377 -1.14 10.02 2.80
N ARG A 378 -0.60 8.85 3.11
CA ARG A 378 -1.44 7.64 3.31
C ARG A 378 -2.04 7.69 4.67
N HIS A 379 -3.27 7.25 4.76
CA HIS A 379 -3.97 7.34 6.04
C HIS A 379 -4.38 5.92 6.36
N VAL A 380 -5.00 5.70 7.51
CA VAL A 380 -5.41 4.33 7.89
C VAL A 380 -6.92 4.27 8.18
N ALA A 381 -7.72 5.01 7.40
CA ALA A 381 -9.18 4.98 7.60
C ALA A 381 -9.76 3.65 7.28
N PHE A 382 -9.08 2.94 6.39
CA PHE A 382 -9.42 1.61 6.05
C PHE A 382 -8.65 0.55 6.83
N GLY A 383 -7.99 0.95 7.89
CA GLY A 383 -7.15 -0.01 8.61
C GLY A 383 -5.87 -0.33 7.87
N TYR A 384 -5.26 -1.46 8.18
CA TYR A 384 -3.87 -1.75 7.72
C TYR A 384 -3.62 -3.22 7.99
N GLY A 385 -2.68 -3.81 7.25
CA GLY A 385 -2.36 -5.24 7.40
C GLY A 385 -3.36 -6.08 6.63
N PRO A 386 -3.43 -7.40 6.92
CA PRO A 386 -4.24 -8.34 6.13
C PRO A 386 -5.76 -8.03 6.05
N HIS A 387 -6.31 -7.40 7.10
CA HIS A 387 -7.74 -7.10 7.13
C HIS A 387 -8.07 -5.72 6.56
N GLN A 388 -7.08 -5.01 5.99
CA GLN A 388 -7.38 -3.73 5.35
C GLN A 388 -8.62 -3.78 4.47
N CYS A 389 -9.49 -2.81 4.62
CA CYS A 389 -10.80 -2.87 3.96
C CYS A 389 -10.82 -3.46 2.58
N LEU A 390 -11.53 -4.58 2.42
CA LEU A 390 -11.69 -5.16 1.13
C LEU A 390 -12.53 -4.32 0.19
N GLY A 391 -13.38 -3.48 0.75
CA GLY A 391 -14.32 -2.72 -0.06
C GLY A 391 -13.82 -1.32 -0.42
N GLN A 392 -12.56 -1.06 -0.12
CA GLN A 392 -12.11 0.32 -0.17
C GLN A 392 -12.13 0.98 -1.57
N ASN A 393 -11.87 0.24 -2.64
CA ASN A 393 -12.02 0.78 -3.99
C ASN A 393 -13.48 1.11 -4.30
N LEU A 394 -14.39 0.22 -3.92
CA LEU A 394 -15.79 0.48 -4.12
C LEU A 394 -16.22 1.70 -3.31
N ALA A 395 -15.78 1.74 -2.05
CA ALA A 395 -16.15 2.86 -1.16
C ALA A 395 -15.68 4.23 -1.71
N ARG A 396 -14.45 4.28 -2.17
CA ARG A 396 -13.94 5.53 -2.74
C ARG A 396 -14.73 5.96 -4.00
N MET A 397 -15.07 5.04 -4.87
CA MET A 397 -15.87 5.31 -6.05
C MET A 397 -17.29 5.80 -5.68
N GLU A 398 -17.91 5.14 -4.71
CA GLU A 398 -19.25 5.57 -4.24
C GLU A 398 -19.24 6.98 -3.75
N LEU A 399 -18.24 7.29 -2.95
CA LEU A 399 -18.12 8.61 -2.44
C LEU A 399 -17.89 9.68 -3.50
N GLU A 400 -17.03 9.37 -4.47
CA GLU A 400 -16.78 10.32 -5.55
C GLU A 400 -18.08 10.57 -6.31
N VAL A 401 -18.74 9.49 -6.69
CA VAL A 401 -19.97 9.60 -7.46
C VAL A 401 -20.99 10.40 -6.68
N ALA A 402 -21.22 10.02 -5.42
CA ALA A 402 -22.25 10.67 -4.62
C ALA A 402 -21.97 12.12 -4.41
N LEU A 403 -20.72 12.43 -4.06
CA LEU A 403 -20.43 13.81 -3.74
C LEU A 403 -20.46 14.70 -5.01
N GLY A 404 -20.02 14.17 -6.14
CA GLY A 404 -19.99 14.91 -7.38
C GLY A 404 -21.40 15.24 -7.76
N ALA A 405 -22.30 14.26 -7.65
CA ALA A 405 -23.68 14.47 -7.94
C ALA A 405 -24.33 15.46 -6.97
N VAL A 406 -24.07 15.38 -5.68
CA VAL A 406 -24.64 16.36 -4.79
C VAL A 406 -24.23 17.76 -5.17
N LEU A 407 -22.95 17.93 -5.48
CA LEU A 407 -22.45 19.28 -5.82
C LEU A 407 -23.15 19.83 -7.08
N GLU A 408 -23.34 18.99 -8.06
CA GLU A 408 -24.01 19.40 -9.29
C GLU A 408 -25.50 19.62 -9.11
N ARG A 409 -26.18 18.69 -8.44
CA ARG A 409 -27.64 18.70 -8.34
C ARG A 409 -28.24 19.53 -7.21
N LEU A 410 -27.48 19.79 -6.14
CA LEU A 410 -27.95 20.55 -5.00
C LEU A 410 -27.00 21.65 -4.62
N PRO A 411 -26.70 22.57 -5.55
CA PRO A 411 -25.57 23.50 -5.36
C PRO A 411 -25.80 24.40 -4.21
N ALA A 412 -27.04 24.62 -3.83
CA ALA A 412 -27.32 25.56 -2.72
C ALA A 412 -27.71 24.77 -1.43
N LEU A 413 -27.36 23.50 -1.35
CA LEU A 413 -27.56 22.74 -0.09
C LEU A 413 -27.16 23.50 1.14
N ARG A 414 -28.03 23.47 2.14
N ARG A 414 -28.01 23.44 2.16
CA ARG A 414 -27.79 24.03 3.45
CA ARG A 414 -27.71 24.01 3.46
C ARG A 414 -28.24 22.97 4.49
C ARG A 414 -28.31 23.09 4.53
N PRO A 415 -27.66 23.03 5.71
CA PRO A 415 -28.17 22.25 6.81
C PRO A 415 -29.33 23.03 7.35
N THR A 416 -30.32 22.34 7.91
CA THR A 416 -31.44 23.01 8.59
C THR A 416 -31.52 22.84 10.12
N THR A 417 -30.54 22.17 10.73
CA THR A 417 -30.43 22.09 12.19
C THR A 417 -29.01 22.39 12.58
N ASP A 418 -28.84 22.88 13.78
CA ASP A 418 -27.58 23.09 14.36
C ASP A 418 -26.77 21.78 14.48
N VAL A 419 -25.46 21.94 14.40
CA VAL A 419 -24.52 20.84 14.52
C VAL A 419 -24.64 20.31 15.95
N ALA A 420 -24.59 21.17 16.95
CA ALA A 420 -24.69 20.67 18.32
C ALA A 420 -25.96 19.84 18.53
N GLY A 421 -26.96 20.00 17.68
CA GLY A 421 -28.20 19.27 17.82
C GLY A 421 -28.29 17.95 17.09
N LEU A 422 -27.25 17.55 16.37
CA LEU A 422 -27.34 16.30 15.68
C LEU A 422 -27.19 15.16 16.71
N ARG A 423 -27.84 14.06 16.43
CA ARG A 423 -27.66 12.87 17.23
C ARG A 423 -26.60 11.94 16.66
N LEU A 424 -25.59 11.67 17.48
CA LEU A 424 -24.42 10.89 17.03
C LEU A 424 -24.47 9.43 17.37
N LYS A 425 -23.97 8.57 16.50
CA LYS A 425 -23.90 7.16 16.82
C LYS A 425 -22.61 6.75 17.58
N SER A 426 -22.50 7.24 18.80
CA SER A 426 -21.30 7.14 19.54
C SER A 426 -20.97 5.76 19.99
N ASP A 427 -21.91 4.82 20.02
CA ASP A 427 -21.57 3.49 20.48
C ASP A 427 -21.67 2.52 19.37
N SER A 428 -21.74 3.05 18.17
CA SER A 428 -21.67 2.20 17.04
C SER A 428 -20.23 1.96 16.57
N ALA A 429 -20.02 0.80 15.99
CA ALA A 429 -18.76 0.47 15.41
C ALA A 429 -18.47 1.37 14.19
N VAL A 430 -19.52 1.84 13.51
CA VAL A 430 -19.46 2.79 12.43
C VAL A 430 -20.06 4.10 12.89
N PHE A 431 -19.18 5.05 13.13
CA PHE A 431 -19.57 6.35 13.60
C PHE A 431 -20.45 7.02 12.53
N GLY A 432 -21.30 7.91 13.00
CA GLY A 432 -22.20 8.62 12.13
C GLY A 432 -23.27 9.35 12.90
N VAL A 433 -24.28 9.77 12.14
CA VAL A 433 -25.41 10.52 12.70
C VAL A 433 -26.71 9.72 12.46
N TYR A 434 -27.71 10.06 13.24
CA TYR A 434 -29.06 9.37 13.08
C TYR A 434 -29.87 9.99 12.00
N GLU A 435 -29.68 11.28 11.75
CA GLU A 435 -30.26 11.94 10.57
C GLU A 435 -29.42 13.15 10.12
N LEU A 436 -29.59 13.56 8.86
CA LEU A 436 -29.04 14.87 8.41
C LEU A 436 -30.06 15.76 7.66
N PRO A 437 -30.76 16.64 8.39
CA PRO A 437 -31.78 17.47 7.77
C PRO A 437 -31.11 18.56 6.91
N VAL A 438 -31.49 18.65 5.66
CA VAL A 438 -30.97 19.67 4.77
C VAL A 438 -32.06 20.34 3.92
N ALA A 439 -31.79 21.53 3.37
CA ALA A 439 -32.60 22.17 2.30
C ALA A 439 -31.70 22.66 1.14
N TRP A 440 -32.27 22.76 -0.06
CA TRP A 440 -31.55 23.20 -1.25
C TRP A 440 -32.40 24.09 -2.21
N SER B 52 25.39 -22.46 10.77
CA SER B 52 25.38 -21.74 9.47
C SER B 52 24.98 -20.29 9.76
N ILE B 53 24.54 -19.56 8.75
CA ILE B 53 24.09 -18.18 8.91
C ILE B 53 22.68 -18.12 8.36
N ALA B 54 21.83 -17.35 9.03
CA ALA B 54 20.46 -17.21 8.57
C ALA B 54 20.43 -16.17 7.47
N TRP B 55 19.56 -16.40 6.51
CA TRP B 55 19.38 -15.53 5.37
C TRP B 55 17.88 -15.43 5.09
N PRO B 56 17.34 -14.20 4.89
CA PRO B 56 18.01 -12.88 4.77
C PRO B 56 18.56 -12.31 6.01
N VAL B 57 19.67 -11.61 5.88
CA VAL B 57 20.28 -10.84 6.95
C VAL B 57 19.64 -9.48 6.83
N ALA B 58 19.16 -8.92 7.93
CA ALA B 58 18.41 -7.68 7.87
C ALA B 58 19.32 -6.47 7.69
N ARG B 59 19.07 -5.68 6.65
N ARG B 59 19.12 -5.68 6.63
CA ARG B 59 19.79 -4.44 6.50
CA ARG B 59 19.83 -4.41 6.53
C ARG B 59 19.10 -3.41 7.40
C ARG B 59 19.10 -3.42 7.42
N THR B 60 19.84 -2.91 8.38
CA THR B 60 19.32 -2.03 9.38
C THR B 60 19.97 -0.68 9.45
N PRO B 62 20.96 2.82 7.08
CA PRO B 62 20.75 3.31 5.73
C PRO B 62 22.08 3.40 4.88
N PHE B 63 23.19 3.68 5.54
CA PHE B 63 24.45 3.94 4.86
C PHE B 63 25.50 2.80 4.87
N SER B 64 25.14 1.63 5.43
CA SER B 64 26.04 0.47 5.61
C SER B 64 25.32 -0.80 5.35
N PRO B 65 25.88 -1.70 4.53
CA PRO B 65 25.28 -3.02 4.51
C PRO B 65 25.64 -3.72 5.87
N PRO B 66 24.98 -4.85 6.16
CA PRO B 66 25.18 -5.49 7.50
C PRO B 66 26.66 -5.80 7.78
N GLU B 67 27.09 -5.66 9.03
CA GLU B 67 28.49 -5.97 9.42
C GLU B 67 29.03 -7.31 8.93
N GLN B 68 28.25 -8.37 9.08
CA GLN B 68 28.65 -9.71 8.63
C GLN B 68 29.29 -9.68 7.28
N TYR B 69 28.83 -8.76 6.44
CA TYR B 69 29.20 -8.73 5.04
C TYR B 69 30.73 -8.65 4.85
N ALA B 70 31.38 -7.77 5.59
CA ALA B 70 32.83 -7.55 5.51
C ALA B 70 33.55 -8.85 5.83
N ALA B 71 33.08 -9.48 6.92
CA ALA B 71 33.59 -10.78 7.40
C ALA B 71 33.45 -11.90 6.38
N LEU B 72 32.29 -12.00 5.74
CA LEU B 72 32.14 -13.00 4.69
C LEU B 72 33.11 -12.75 3.50
N ARG B 73 33.28 -11.47 3.13
CA ARG B 73 34.19 -11.13 2.04
C ARG B 73 35.61 -11.59 2.38
N ALA B 74 36.14 -11.16 3.54
CA ALA B 74 37.44 -11.59 4.05
C ALA B 74 37.59 -13.12 4.08
N GLU B 75 36.85 -13.76 4.98
CA GLU B 75 37.04 -15.17 5.34
C GLU B 75 36.26 -16.18 4.49
N GLU B 76 34.98 -15.95 4.24
CA GLU B 76 34.12 -16.99 3.68
C GLU B 76 33.42 -16.52 2.42
N PRO B 77 34.19 -16.16 1.38
CA PRO B 77 33.72 -15.65 0.09
C PRO B 77 32.58 -16.42 -0.53
N ILE B 78 32.55 -17.73 -0.26
CA ILE B 78 31.42 -18.60 -0.66
C ILE B 78 30.92 -19.38 0.54
N ALA B 79 29.85 -18.89 1.17
CA ALA B 79 29.42 -19.33 2.50
C ALA B 79 28.08 -20.07 2.50
N ARG B 80 27.98 -21.12 3.32
CA ARG B 80 26.73 -21.86 3.48
C ARG B 80 25.88 -21.09 4.49
N ALA B 81 24.64 -20.83 4.10
CA ALA B 81 23.70 -20.15 4.96
C ALA B 81 22.41 -20.88 4.77
N GLU B 82 21.46 -20.70 5.68
CA GLU B 82 20.17 -21.41 5.62
C GLU B 82 18.94 -20.47 5.51
N LEU B 83 18.08 -20.79 4.56
CA LEU B 83 16.82 -20.07 4.40
C LEU B 83 15.90 -20.35 5.58
N TRP B 84 14.74 -19.69 5.59
CA TRP B 84 13.77 -19.76 6.67
C TRP B 84 13.53 -21.20 7.16
N ASP B 85 13.42 -22.14 6.22
CA ASP B 85 13.05 -23.52 6.51
C ASP B 85 14.27 -24.45 6.55
N GLY B 86 15.47 -23.89 6.68
CA GLY B 86 16.71 -24.66 6.78
C GLY B 86 17.37 -25.04 5.47
N ALA B 87 16.69 -24.88 4.34
CA ALA B 87 17.32 -25.16 3.04
C ALA B 87 18.67 -24.39 2.87
N PRO B 88 19.64 -24.97 2.15
CA PRO B 88 20.95 -24.35 2.18
C PRO B 88 21.16 -23.49 0.95
N VAL B 89 21.89 -22.40 1.14
CA VAL B 89 22.27 -21.57 0.00
C VAL B 89 23.68 -21.10 0.22
N TRP B 90 24.33 -20.75 -0.88
CA TRP B 90 25.64 -20.12 -0.81
C TRP B 90 25.51 -18.59 -1.00
N LEU B 91 26.00 -17.84 -0.01
CA LEU B 91 26.23 -16.38 -0.10
C LEU B 91 27.56 -16.03 -0.78
N ILE B 92 27.46 -15.46 -1.98
CA ILE B 92 28.59 -14.97 -2.77
C ILE B 92 28.78 -13.47 -2.49
N SER B 93 29.92 -13.10 -1.90
CA SER B 93 30.13 -11.73 -1.44
C SER B 93 31.26 -10.94 -2.12
N ARG B 94 31.96 -11.57 -3.05
CA ARG B 94 33.12 -10.91 -3.64
C ARG B 94 32.94 -10.64 -5.08
N GLN B 95 33.48 -9.52 -5.50
CA GLN B 95 33.20 -9.05 -6.84
C GLN B 95 33.64 -9.96 -8.00
N ASP B 96 34.83 -10.56 -7.90
CA ASP B 96 35.26 -11.54 -8.92
C ASP B 96 34.28 -12.70 -9.00
N HIS B 97 33.97 -13.27 -7.83
CA HIS B 97 33.06 -14.44 -7.76
C HIS B 97 31.66 -14.06 -8.21
N VAL B 98 31.20 -12.93 -7.69
CA VAL B 98 29.88 -12.41 -8.09
C VAL B 98 29.83 -12.27 -9.59
N ARG B 99 30.82 -11.60 -10.18
CA ARG B 99 30.80 -11.47 -11.65
C ARG B 99 30.86 -12.83 -12.33
N ALA B 100 31.75 -13.69 -11.86
CA ALA B 100 32.00 -14.95 -12.56
C ALA B 100 30.72 -15.78 -12.68
N LEU B 101 30.14 -16.06 -11.51
CA LEU B 101 28.92 -16.88 -11.44
C LEU B 101 27.73 -16.22 -12.15
N LEU B 102 27.51 -14.92 -11.97
CA LEU B 102 26.37 -14.33 -12.64
C LEU B 102 26.52 -14.45 -14.14
N ALA B 103 27.76 -14.53 -14.67
CA ALA B 103 27.94 -14.70 -16.14
C ALA B 103 27.94 -16.15 -16.62
N ASP B 104 28.18 -17.09 -15.71
CA ASP B 104 28.24 -18.55 -16.00
C ASP B 104 26.93 -19.24 -16.43
N PRO B 105 26.93 -19.98 -17.56
CA PRO B 105 25.64 -20.60 -18.01
C PRO B 105 25.03 -21.66 -17.07
N ARG B 106 25.80 -22.14 -16.12
CA ARG B 106 25.31 -23.17 -15.23
C ARG B 106 24.54 -22.59 -14.02
N VAL B 107 24.45 -21.26 -13.98
CA VAL B 107 23.74 -20.52 -12.95
C VAL B 107 22.42 -20.03 -13.52
N SER B 108 21.32 -20.43 -12.88
CA SER B 108 20.01 -20.20 -13.45
C SER B 108 19.16 -19.28 -12.61
N ILE B 109 18.26 -18.60 -13.30
CA ILE B 109 17.23 -17.79 -12.68
C ILE B 109 15.84 -18.46 -12.77
N HIS B 110 15.77 -19.69 -13.24
CA HIS B 110 14.46 -20.29 -13.47
C HIS B 110 13.67 -20.40 -12.12
N PRO B 111 12.38 -20.02 -12.14
CA PRO B 111 11.65 -19.95 -10.87
C PRO B 111 11.48 -21.29 -10.17
N ALA B 112 11.21 -22.33 -10.96
CA ALA B 112 11.11 -23.69 -10.41
C ALA B 112 12.20 -24.08 -9.42
N LYS B 113 13.47 -23.75 -9.64
CA LYS B 113 14.51 -24.17 -8.67
C LYS B 113 14.98 -23.01 -7.80
N LEU B 114 14.34 -21.86 -7.95
CA LEU B 114 14.83 -20.68 -7.29
C LEU B 114 14.72 -20.84 -5.79
N PRO B 115 15.67 -20.30 -5.07
CA PRO B 115 15.38 -20.32 -3.66
C PRO B 115 14.25 -19.34 -3.28
N ARG B 116 13.63 -19.61 -2.13
CA ARG B 116 12.36 -19.00 -1.73
C ARG B 116 12.46 -18.64 -0.29
N LEU B 117 11.83 -17.53 0.08
CA LEU B 117 12.11 -16.94 1.38
C LEU B 117 10.98 -17.13 2.36
N SER B 118 9.96 -17.85 1.93
CA SER B 118 8.86 -18.19 2.78
C SER B 118 8.09 -19.34 2.13
N PRO B 119 7.17 -19.93 2.88
CA PRO B 119 6.29 -20.95 2.27
C PRO B 119 5.42 -20.47 1.12
N SER B 120 5.15 -19.15 1.04
CA SER B 120 4.25 -18.59 0.02
C SER B 120 5.02 -17.97 -1.12
N ASP B 121 6.33 -17.76 -0.92
CA ASP B 121 7.17 -17.16 -1.97
C ASP B 121 7.24 -18.10 -3.15
N GLY B 122 6.77 -17.64 -4.32
CA GLY B 122 6.57 -18.45 -5.54
C GLY B 122 5.10 -18.49 -5.94
N GLU B 123 4.20 -18.15 -5.02
CA GLU B 123 2.80 -17.99 -5.45
C GLU B 123 2.69 -16.80 -6.41
N ALA B 124 1.86 -16.98 -7.42
CA ALA B 124 1.65 -15.98 -8.46
C ALA B 124 2.89 -15.66 -9.29
N GLU B 125 3.81 -16.61 -9.35
CA GLU B 125 4.96 -16.53 -10.22
C GLU B 125 4.61 -16.27 -11.70
N ALA B 126 5.45 -15.47 -12.35
CA ALA B 126 5.32 -15.15 -13.76
C ALA B 126 6.06 -16.22 -14.52
N SER B 127 5.84 -16.33 -15.81
CA SER B 127 6.60 -17.34 -16.60
C SER B 127 7.45 -16.73 -17.72
N ARG B 128 7.09 -15.53 -18.14
CA ARG B 128 7.74 -14.84 -19.24
C ARG B 128 8.38 -13.50 -18.85
N SER B 129 8.52 -13.25 -17.55
CA SER B 129 9.30 -12.08 -17.14
C SER B 129 10.77 -12.32 -17.52
N LEU B 130 11.45 -11.25 -17.94
CA LEU B 130 12.91 -11.27 -18.07
C LEU B 130 13.55 -11.93 -16.92
N LEU B 131 13.03 -11.70 -15.72
CA LEU B 131 13.59 -12.24 -14.47
C LEU B 131 13.13 -13.66 -14.07
N THR B 132 12.43 -14.33 -14.98
CA THR B 132 12.12 -15.74 -14.83
C THR B 132 12.67 -16.58 -16.03
N LEU B 133 13.48 -15.96 -16.89
CA LEU B 133 13.99 -16.64 -18.10
C LEU B 133 15.52 -16.75 -18.12
N ASP B 134 16.01 -17.96 -18.47
CA ASP B 134 17.39 -18.20 -18.91
C ASP B 134 17.50 -18.14 -20.45
N PRO B 135 18.73 -17.96 -21.00
CA PRO B 135 18.82 -18.00 -22.47
C PRO B 135 18.51 -19.39 -23.02
N PRO B 136 18.17 -19.47 -24.30
CA PRO B 136 18.18 -18.39 -25.27
C PRO B 136 16.95 -17.52 -25.23
N ASP B 137 15.91 -17.97 -24.52
CA ASP B 137 14.65 -17.21 -24.47
C ASP B 137 14.88 -15.79 -23.94
N HIS B 138 15.60 -15.68 -22.83
CA HIS B 138 15.92 -14.38 -22.24
C HIS B 138 16.42 -13.34 -23.24
N GLY B 139 17.50 -13.67 -23.93
CA GLY B 139 18.14 -12.75 -24.90
C GLY B 139 17.21 -12.46 -26.04
N ALA B 140 16.49 -13.47 -26.50
CA ALA B 140 15.56 -13.28 -27.61
C ALA B 140 14.42 -12.28 -27.24
N LEU B 141 13.90 -12.45 -26.02
CA LEU B 141 12.90 -11.52 -25.44
C LEU B 141 13.46 -10.12 -25.15
N ARG B 142 14.58 -10.06 -24.43
CA ARG B 142 15.27 -8.78 -24.15
C ARG B 142 15.48 -7.98 -25.41
N GLY B 143 15.72 -8.70 -26.52
CA GLY B 143 15.92 -8.04 -27.80
C GLY B 143 14.82 -7.10 -28.18
N HIS B 144 13.55 -7.50 -27.99
CA HIS B 144 12.43 -6.57 -28.27
C HIS B 144 12.44 -5.23 -27.48
N PHE B 145 13.03 -5.20 -26.29
CA PHE B 145 12.90 -4.01 -25.42
C PHE B 145 14.12 -3.08 -25.48
N ILE B 146 15.28 -3.64 -25.80
CA ILE B 146 16.53 -2.86 -25.87
C ILE B 146 16.39 -1.49 -26.56
N PRO B 147 15.69 -1.42 -27.72
CA PRO B 147 15.64 -0.12 -28.36
C PRO B 147 15.04 0.96 -27.48
N GLU B 148 14.07 0.61 -26.63
CA GLU B 148 13.44 1.60 -25.73
C GLU B 148 14.42 2.14 -24.64
N PHE B 149 15.46 1.39 -24.32
CA PHE B 149 16.34 1.73 -23.21
C PHE B 149 17.82 2.03 -23.59
N GLY B 150 18.15 1.99 -24.88
CA GLY B 150 19.49 2.34 -25.33
C GLY B 150 19.90 3.77 -25.02
N LEU B 151 21.21 4.00 -25.18
CA LEU B 151 21.78 5.27 -24.74
C LEU B 151 21.24 6.46 -25.51
N ARG B 152 21.05 6.32 -26.81
CA ARG B 152 20.56 7.50 -27.55
C ARG B 152 19.06 7.76 -27.24
N ARG B 153 18.29 6.69 -27.12
CA ARG B 153 16.87 6.83 -26.73
C ARG B 153 16.80 7.55 -25.39
N VAL B 154 17.59 7.08 -24.43
CA VAL B 154 17.57 7.71 -23.10
C VAL B 154 17.89 9.18 -23.16
N ARG B 155 18.84 9.55 -23.99
CA ARG B 155 19.17 10.97 -24.13
C ARG B 155 18.05 11.77 -24.78
N GLU B 156 17.27 11.14 -25.65
CA GLU B 156 16.09 11.81 -26.23
C GLU B 156 15.03 12.08 -25.14
N LEU B 157 14.94 11.24 -24.12
CA LEU B 157 13.97 11.45 -23.04
C LEU B 157 14.39 12.52 -22.07
N ARG B 158 15.64 12.91 -22.09
CA ARG B 158 16.12 13.74 -21.01
C ARG B 158 15.33 15.04 -20.86
N PRO B 159 14.99 15.69 -21.95
CA PRO B 159 14.27 16.97 -21.64
C PRO B 159 12.89 16.79 -20.97
N SER B 160 12.18 15.72 -21.27
CA SER B 160 10.96 15.43 -20.60
C SER B 160 11.12 15.05 -19.09
N VAL B 161 12.19 14.32 -18.73
CA VAL B 161 12.54 14.14 -17.32
C VAL B 161 12.83 15.48 -16.69
N GLU B 162 13.56 16.34 -17.41
CA GLU B 162 13.83 17.68 -16.83
C GLU B 162 12.56 18.50 -16.59
N GLN B 163 11.61 18.39 -17.49
CA GLN B 163 10.39 19.15 -17.37
C GLN B 163 9.62 18.62 -16.16
N ILE B 164 9.57 17.32 -16.02
CA ILE B 164 8.85 16.72 -14.89
C ILE B 164 9.47 17.19 -13.61
N VAL B 165 10.79 17.12 -13.56
CA VAL B 165 11.50 17.51 -12.37
C VAL B 165 11.32 18.96 -12.05
N THR B 166 11.40 19.76 -13.08
CA THR B 166 11.18 21.19 -12.89
C THR B 166 9.73 21.50 -12.43
N GLY B 167 8.75 20.84 -13.02
CA GLY B 167 7.33 21.01 -12.61
C GLY B 167 7.16 20.74 -11.13
N LEU B 168 7.69 19.59 -10.70
CA LEU B 168 7.58 19.20 -9.29
C LEU B 168 8.21 20.20 -8.38
N LEU B 169 9.38 20.71 -8.76
CA LEU B 169 10.06 21.66 -7.84
C LEU B 169 9.38 23.05 -7.83
N ASP B 170 8.82 23.41 -8.97
CA ASP B 170 8.05 24.66 -9.00
C ASP B 170 6.87 24.57 -8.00
N ASP B 171 6.13 23.48 -8.07
N ASP B 171 6.14 23.47 -8.06
CA ASP B 171 5.00 23.25 -7.14
CA ASP B 171 5.00 23.25 -7.16
C ASP B 171 5.47 23.30 -5.69
C ASP B 171 5.43 23.25 -5.70
N LEU B 172 6.51 22.52 -5.37
CA LEU B 172 6.92 22.39 -3.97
C LEU B 172 7.39 23.63 -3.35
N THR B 173 8.18 24.43 -4.09
CA THR B 173 8.74 25.64 -3.51
C THR B 173 7.69 26.73 -3.51
N ALA B 174 6.77 26.67 -4.42
CA ALA B 174 5.62 27.66 -4.34
C ALA B 174 4.72 27.42 -3.11
N ARG B 175 4.40 26.15 -2.82
CA ARG B 175 3.58 25.76 -1.62
C ARG B 175 4.23 26.07 -0.27
N GLY B 176 5.53 25.91 -0.13
CA GLY B 176 6.11 26.13 1.17
C GLY B 176 7.62 25.88 1.14
N ASP B 177 8.27 25.81 2.31
N ASP B 177 8.17 25.68 2.33
CA ASP B 177 9.69 25.45 2.33
CA ASP B 177 9.59 25.57 2.57
C ASP B 177 10.00 24.21 3.13
C ASP B 177 10.00 24.21 3.14
N GLU B 178 9.09 23.23 3.10
CA GLU B 178 9.27 21.91 3.66
C GLU B 178 8.55 20.91 2.81
N ALA B 179 8.98 19.69 2.91
CA ALA B 179 8.37 18.60 2.21
C ALA B 179 8.89 17.28 2.74
N ASP B 180 8.30 16.18 2.25
CA ASP B 180 8.78 14.84 2.34
C ASP B 180 9.27 14.56 0.93
N LEU B 181 10.58 14.36 0.78
CA LEU B 181 11.17 14.39 -0.56
C LEU B 181 10.82 13.17 -1.21
N LEU B 182 10.57 12.13 -0.44
CA LEU B 182 10.08 10.88 -1.13
C LEU B 182 8.64 11.04 -1.69
N ALA B 183 7.67 11.27 -0.80
CA ALA B 183 6.25 11.34 -1.25
C ALA B 183 6.08 12.56 -2.19
N ASP B 184 6.74 13.68 -1.95
CA ASP B 184 6.44 14.90 -2.68
C ASP B 184 7.33 15.13 -3.97
N PHE B 185 8.38 14.34 -4.21
CA PHE B 185 9.32 14.61 -5.34
C PHE B 185 9.79 13.35 -5.99
N ALA B 186 10.46 12.46 -5.25
CA ALA B 186 11.07 11.33 -5.88
C ALA B 186 10.11 10.34 -6.42
N LEU B 187 9.06 10.05 -5.63
CA LEU B 187 8.11 9.05 -6.14
C LEU B 187 7.31 9.61 -7.30
N PRO B 188 6.81 10.82 -7.16
CA PRO B 188 6.03 11.28 -8.33
C PRO B 188 6.92 11.45 -9.58
N MET B 189 8.16 11.88 -9.39
CA MET B 189 9.07 11.91 -10.59
C MET B 189 9.21 10.55 -11.26
N ALA B 190 9.54 9.52 -10.47
CA ALA B 190 9.82 8.23 -11.01
C ALA B 190 8.59 7.66 -11.67
N THR B 191 7.45 7.88 -11.03
CA THR B 191 6.18 7.41 -11.54
C THR B 191 5.77 8.07 -12.84
N GLN B 192 5.92 9.38 -12.90
CA GLN B 192 5.56 10.10 -14.13
C GLN B 192 6.41 9.67 -15.28
N VAL B 193 7.68 9.40 -15.01
CA VAL B 193 8.60 9.08 -16.09
C VAL B 193 8.23 7.73 -16.64
N ILE B 194 8.04 6.76 -15.77
CA ILE B 194 7.70 5.43 -16.25
C ILE B 194 6.28 5.31 -16.84
N CYS B 195 5.32 6.00 -16.28
CA CYS B 195 4.00 6.11 -16.89
C CYS B 195 4.12 6.76 -18.25
N ARG B 196 4.96 7.81 -18.40
CA ARG B 196 5.19 8.36 -19.76
C ARG B 196 5.77 7.31 -20.72
N LEU B 197 6.77 6.56 -20.27
CA LEU B 197 7.44 5.63 -21.16
C LEU B 197 6.51 4.47 -21.56
N LEU B 198 5.76 3.94 -20.61
CA LEU B 198 4.91 2.78 -20.89
C LEU B 198 3.57 3.19 -21.48
N ASP B 199 3.18 4.44 -21.27
CA ASP B 199 1.80 4.88 -21.49
C ASP B 199 0.84 4.11 -20.52
N ILE B 200 0.85 4.54 -19.27
CA ILE B 200 0.05 3.98 -18.20
C ILE B 200 -0.53 5.17 -17.52
N PRO B 201 -1.84 5.15 -17.24
CA PRO B 201 -2.41 6.40 -16.72
C PRO B 201 -1.81 6.83 -15.37
N TYR B 202 -1.26 8.04 -15.31
CA TYR B 202 -0.71 8.55 -14.08
C TYR B 202 -1.79 8.70 -12.95
N GLU B 203 -3.04 8.81 -13.38
CA GLU B 203 -4.18 8.99 -12.48
C GLU B 203 -4.39 7.73 -11.66
N ASP B 204 -3.88 6.60 -12.14
CA ASP B 204 -4.00 5.37 -11.37
C ASP B 204 -2.90 5.13 -10.43
N ARG B 205 -2.07 6.14 -10.20
CA ARG B 205 -0.89 5.91 -9.40
C ARG B 205 -1.16 5.36 -8.00
N ASP B 206 -2.16 5.82 -7.27
CA ASP B 206 -2.28 5.25 -5.92
C ASP B 206 -2.47 3.72 -5.96
N TYR B 207 -3.29 3.26 -6.89
CA TYR B 207 -3.51 1.84 -7.03
C TYR B 207 -2.23 1.10 -7.26
N PHE B 208 -1.41 1.51 -8.23
CA PHE B 208 -0.23 0.66 -8.46
C PHE B 208 1.01 0.94 -7.56
N GLN B 209 1.14 2.13 -6.99
CA GLN B 209 2.31 2.42 -6.15
C GLN B 209 2.31 1.65 -4.88
N GLU B 210 1.16 1.61 -4.22
CA GLU B 210 1.11 0.94 -2.96
C GLU B 210 1.21 -0.53 -3.17
N ARG B 211 0.59 -1.04 -4.21
CA ARG B 211 0.67 -2.45 -4.50
C ARG B 211 2.08 -2.93 -4.98
N THR B 212 2.80 -2.04 -5.64
CA THR B 212 4.17 -2.31 -6.04
C THR B 212 5.01 -2.44 -4.81
N GLU B 213 4.87 -1.50 -3.90
CA GLU B 213 5.61 -1.58 -2.66
C GLU B 213 5.35 -2.90 -1.89
N GLN B 214 4.08 -3.33 -1.79
CA GLN B 214 3.75 -4.60 -1.07
C GLN B 214 4.20 -5.82 -1.86
N ALA B 215 4.01 -5.77 -3.17
CA ALA B 215 4.30 -6.96 -3.95
C ALA B 215 5.81 -7.30 -4.00
N THR B 216 6.66 -6.32 -3.74
CA THR B 216 8.11 -6.49 -3.91
C THR B 216 8.78 -6.82 -2.56
N ARG B 217 8.00 -7.33 -1.61
CA ARG B 217 8.52 -7.87 -0.36
C ARG B 217 8.44 -9.42 -0.44
N PRO B 218 9.53 -10.09 -0.92
CA PRO B 218 9.42 -11.50 -1.34
C PRO B 218 9.12 -12.55 -0.23
N ALA B 219 9.41 -12.18 1.01
CA ALA B 219 9.24 -13.01 2.18
C ALA B 219 7.93 -12.69 2.94
N ALA B 220 7.15 -11.75 2.44
CA ALA B 220 6.01 -11.24 3.21
C ALA B 220 4.76 -12.07 2.89
N GLY B 221 3.73 -11.92 3.71
CA GLY B 221 2.57 -12.79 3.59
C GLY B 221 1.45 -12.25 2.71
N GLU B 222 0.26 -12.21 3.31
CA GLU B 222 -0.97 -12.04 2.51
C GLU B 222 -1.01 -10.75 1.71
N GLU B 223 -0.57 -9.67 2.34
CA GLU B 223 -0.75 -8.37 1.70
C GLU B 223 0.09 -8.27 0.44
N ALA B 224 1.21 -9.01 0.41
CA ALA B 224 2.15 -8.98 -0.74
C ALA B 224 1.63 -9.80 -1.89
N LEU B 225 1.08 -10.95 -1.54
CA LEU B 225 0.50 -11.78 -2.55
C LEU B 225 -0.73 -11.12 -3.12
N GLU B 226 -1.53 -10.47 -2.27
CA GLU B 226 -2.75 -9.85 -2.79
C GLU B 226 -2.37 -8.70 -3.70
N ALA B 227 -1.40 -7.94 -3.24
CA ALA B 227 -0.95 -6.77 -4.01
C ALA B 227 -0.44 -7.22 -5.41
N LEU B 228 0.35 -8.29 -5.46
CA LEU B 228 0.77 -8.84 -6.77
C LEU B 228 -0.33 -9.33 -7.68
N LEU B 229 -1.22 -10.14 -7.14
CA LEU B 229 -2.39 -10.59 -7.93
C LEU B 229 -3.15 -9.42 -8.48
N GLU B 230 -3.31 -8.37 -7.69
CA GLU B 230 -4.10 -7.21 -8.19
C GLU B 230 -3.36 -6.36 -9.20
N LEU B 231 -2.05 -6.22 -8.96
CA LEU B 231 -1.15 -5.52 -9.87
C LEU B 231 -1.20 -6.19 -11.26
N ARG B 232 -1.05 -7.49 -11.27
CA ARG B 232 -1.15 -8.22 -12.51
C ARG B 232 -2.51 -8.09 -13.20
N ASP B 233 -3.56 -8.14 -12.40
CA ASP B 233 -4.89 -7.99 -13.00
C ASP B 233 -5.11 -6.61 -13.58
N TYR B 234 -4.64 -5.60 -12.86
CA TYR B 234 -4.73 -4.23 -13.35
C TYR B 234 -4.07 -4.12 -14.75
N LEU B 235 -2.88 -4.66 -14.87
CA LEU B 235 -2.14 -4.52 -16.11
C LEU B 235 -2.75 -5.36 -17.19
N ASP B 236 -3.16 -6.59 -16.87
CA ASP B 236 -3.90 -7.42 -17.84
C ASP B 236 -5.15 -6.74 -18.42
N ARG B 237 -5.90 -6.03 -17.57
CA ARG B 237 -7.04 -5.23 -18.02
C ARG B 237 -6.57 -4.18 -18.98
N LEU B 238 -5.48 -3.55 -18.62
CA LEU B 238 -4.99 -2.43 -19.35
C LEU B 238 -4.49 -2.90 -20.73
N ILE B 239 -3.77 -4.01 -20.72
CA ILE B 239 -3.23 -4.63 -21.93
C ILE B 239 -4.39 -5.03 -22.83
N SER B 240 -5.25 -5.93 -22.35
CA SER B 240 -6.44 -6.36 -23.06
C SER B 240 -7.27 -5.17 -23.58
N GLY B 241 -7.03 -3.98 -23.03
CA GLY B 241 -7.61 -2.75 -23.54
C GLY B 241 -6.95 -2.13 -24.77
N LYS B 242 -5.62 -2.00 -24.78
CA LYS B 242 -4.94 -1.23 -25.84
C LYS B 242 -4.72 -2.08 -27.10
N ASP B 249 -0.10 4.04 -27.44
CA ASP B 249 0.80 4.96 -28.13
C ASP B 249 2.13 5.15 -27.35
N GLY B 250 2.48 4.20 -26.46
CA GLY B 250 3.83 4.18 -25.83
C GLY B 250 4.48 2.79 -25.88
N MET B 251 5.41 2.52 -24.98
CA MET B 251 6.05 1.22 -25.01
C MET B 251 5.07 0.04 -24.87
N LEU B 252 4.00 0.28 -24.13
CA LEU B 252 3.00 -0.74 -23.95
C LEU B 252 2.23 -0.99 -25.24
N GLY B 253 1.78 0.09 -25.89
CA GLY B 253 1.20 0.03 -27.23
C GLY B 253 2.06 -0.79 -28.16
N SER B 254 3.34 -0.45 -28.23
CA SER B 254 4.26 -1.20 -29.05
C SER B 254 4.28 -2.70 -28.70
N MET B 255 4.27 -3.05 -27.42
CA MET B 255 4.35 -4.45 -27.04
C MET B 255 3.10 -5.23 -27.43
N VAL B 256 1.93 -4.57 -27.43
CA VAL B 256 0.67 -5.21 -27.89
C VAL B 256 0.65 -5.33 -29.43
N ALA B 257 1.09 -4.28 -30.12
CA ALA B 257 1.22 -4.38 -31.57
C ALA B 257 2.02 -5.63 -31.94
N GLN B 258 3.18 -5.82 -31.31
CA GLN B 258 3.99 -7.01 -31.57
C GLN B 258 3.28 -8.31 -31.21
N ALA B 259 2.64 -8.36 -30.04
CA ALA B 259 1.74 -9.48 -29.72
C ALA B 259 0.65 -9.68 -30.80
N ARG B 260 -0.02 -8.61 -31.22
CA ARG B 260 -0.98 -8.70 -32.32
C ARG B 260 -0.31 -9.46 -33.47
N GLY B 261 0.85 -9.00 -33.91
CA GLY B 261 1.61 -9.65 -35.02
C GLY B 261 2.34 -10.96 -34.74
N GLY B 262 2.13 -11.57 -33.58
CA GLY B 262 2.71 -12.88 -33.27
C GLY B 262 4.15 -12.83 -32.80
N GLY B 263 4.73 -11.64 -32.68
CA GLY B 263 6.08 -11.49 -32.14
C GLY B 263 6.21 -11.84 -30.65
N LEU B 264 5.13 -11.64 -29.88
CA LEU B 264 5.16 -11.89 -28.41
C LEU B 264 3.90 -12.61 -27.95
N SER B 265 4.05 -13.50 -26.96
CA SER B 265 2.88 -14.10 -26.30
C SER B 265 2.16 -13.12 -25.36
N HIS B 266 0.99 -13.49 -24.89
CA HIS B 266 0.27 -12.62 -23.95
C HIS B 266 1.12 -12.49 -22.71
N ALA B 267 1.78 -13.56 -22.31
CA ALA B 267 2.56 -13.54 -21.09
C ALA B 267 3.83 -12.66 -21.23
N ASP B 268 4.49 -12.71 -22.37
CA ASP B 268 5.61 -11.83 -22.65
C ASP B 268 5.25 -10.40 -22.30
N VAL B 269 4.06 -9.99 -22.72
CA VAL B 269 3.68 -8.61 -22.56
C VAL B 269 3.29 -8.29 -21.10
N LEU B 270 2.50 -9.15 -20.50
CA LEU B 270 1.95 -8.86 -19.18
C LEU B 270 3.03 -8.95 -18.15
N ASP B 271 3.78 -10.04 -18.19
CA ASP B 271 4.75 -10.29 -17.15
C ASP B 271 5.79 -9.19 -17.13
N ASN B 272 6.10 -8.65 -18.30
CA ASN B 272 7.09 -7.61 -18.44
C ASN B 272 6.52 -6.23 -18.28
N ALA B 273 5.24 -6.03 -18.53
CA ALA B 273 4.65 -4.77 -18.17
C ALA B 273 4.69 -4.61 -16.65
N VAL B 274 4.38 -5.67 -15.93
CA VAL B 274 4.47 -5.65 -14.46
C VAL B 274 5.89 -5.29 -14.01
N LEU B 275 6.87 -5.99 -14.53
CA LEU B 275 8.27 -5.78 -14.14
C LEU B 275 8.72 -4.36 -14.43
N LEU B 276 8.45 -3.87 -15.62
CA LEU B 276 8.89 -2.55 -16.00
C LEU B 276 8.21 -1.47 -15.17
N LEU B 277 6.91 -1.61 -14.92
CA LEU B 277 6.24 -0.59 -14.10
C LEU B 277 6.86 -0.53 -12.71
N ALA B 278 6.99 -1.70 -12.10
CA ALA B 278 7.47 -1.79 -10.74
C ALA B 278 8.93 -1.38 -10.59
N ALA B 279 9.82 -2.04 -11.32
CA ALA B 279 11.25 -1.68 -11.27
C ALA B 279 11.45 -0.22 -11.71
N GLY B 280 10.75 0.15 -12.79
CA GLY B 280 10.82 1.47 -13.35
C GLY B 280 10.62 2.58 -12.32
N HIS B 281 9.68 2.42 -11.37
CA HIS B 281 9.52 3.55 -10.42
C HIS B 281 10.03 3.31 -9.06
N GLU B 282 9.94 2.09 -8.60
CA GLU B 282 10.32 1.84 -7.22
C GLU B 282 11.81 2.05 -6.96
N THR B 283 12.64 1.58 -7.87
CA THR B 283 14.12 1.70 -7.76
C THR B 283 14.54 3.13 -7.81
N THR B 284 14.07 3.82 -8.83
CA THR B 284 14.52 5.21 -9.02
C THR B 284 13.97 6.07 -7.92
N ALA B 285 12.70 5.84 -7.54
CA ALA B 285 12.18 6.61 -6.36
C ALA B 285 13.10 6.45 -5.16
N SER B 286 13.44 5.20 -4.86
CA SER B 286 14.27 4.98 -3.67
C SER B 286 15.71 5.55 -3.84
N MET B 287 16.28 5.35 -5.02
CA MET B 287 17.66 5.88 -5.25
C MET B 287 17.73 7.37 -5.16
N VAL B 288 16.73 8.07 -5.72
CA VAL B 288 16.74 9.50 -5.61
C VAL B 288 16.69 9.94 -4.16
N THR B 289 15.77 9.31 -3.41
CA THR B 289 15.56 9.79 -2.02
C THR B 289 16.81 9.48 -1.20
N MET B 290 17.30 8.25 -1.31
CA MET B 290 18.49 7.83 -0.53
C MET B 290 19.74 8.64 -0.94
N SER B 291 19.84 8.97 -2.23
CA SER B 291 20.95 9.87 -2.69
C SER B 291 20.90 11.18 -2.05
N VAL B 292 19.71 11.79 -1.95
CA VAL B 292 19.65 13.06 -1.25
C VAL B 292 20.00 12.91 0.16
N LEU B 293 19.52 11.83 0.78
CA LEU B 293 19.90 11.59 2.18
C LEU B 293 21.45 11.50 2.36
N VAL B 294 22.11 10.75 1.48
CA VAL B 294 23.63 10.68 1.55
C VAL B 294 24.23 12.05 1.37
N LEU B 295 23.76 12.80 0.35
CA LEU B 295 24.42 14.09 0.13
C LEU B 295 24.23 15.02 1.20
N LEU B 296 23.07 14.96 1.87
CA LEU B 296 22.90 15.81 3.05
C LEU B 296 23.88 15.49 4.22
N GLN B 297 24.40 14.28 4.30
CA GLN B 297 25.43 14.01 5.29
C GLN B 297 26.86 14.51 4.81
N HIS B 298 27.01 15.02 3.58
CA HIS B 298 28.35 15.36 2.99
C HIS B 298 28.33 16.73 2.40
N PRO B 299 28.33 17.77 3.24
CA PRO B 299 28.31 19.11 2.77
C PRO B 299 29.44 19.43 1.74
N THR B 300 30.61 18.81 1.88
CA THR B 300 31.74 19.04 0.93
C THR B 300 31.33 18.58 -0.45
N ALA B 301 30.83 17.38 -0.55
CA ALA B 301 30.26 16.87 -1.84
C ALA B 301 29.12 17.71 -2.36
N TRP B 302 28.29 18.20 -1.46
CA TRP B 302 27.17 19.06 -1.82
C TRP B 302 27.73 20.33 -2.49
N ARG B 303 28.66 21.01 -1.81
CA ARG B 303 29.24 22.26 -2.32
C ARG B 303 29.99 22.03 -3.69
N GLU B 304 30.74 20.95 -3.76
CA GLU B 304 31.51 20.64 -4.96
C GLU B 304 30.63 20.38 -6.14
N LEU B 305 29.60 19.59 -5.93
CA LEU B 305 28.66 19.36 -7.01
C LEU B 305 27.87 20.61 -7.43
N THR B 306 27.64 21.50 -6.50
CA THR B 306 26.92 22.69 -6.83
C THR B 306 27.76 23.59 -7.76
N VAL B 307 29.02 23.83 -7.43
CA VAL B 307 29.92 24.62 -8.27
C VAL B 307 30.38 23.83 -9.49
N ASN B 308 30.43 22.52 -9.43
CA ASN B 308 30.91 21.73 -10.56
C ASN B 308 30.04 20.57 -10.89
N PRO B 309 28.97 20.87 -11.62
CA PRO B 309 28.03 19.85 -12.01
C PRO B 309 28.62 18.83 -12.90
N GLY B 310 29.78 19.09 -13.49
CA GLY B 310 30.39 18.03 -14.32
C GLY B 310 30.86 16.88 -13.44
N LEU B 311 30.89 17.12 -12.13
CA LEU B 311 31.13 15.99 -11.17
C LEU B 311 29.92 15.04 -10.96
N LEU B 312 28.74 15.45 -11.42
CA LEU B 312 27.53 14.66 -11.13
C LEU B 312 27.55 13.26 -11.61
N PRO B 313 28.02 13.00 -12.89
CA PRO B 313 27.88 11.59 -13.22
C PRO B 313 28.71 10.64 -12.37
N GLY B 314 29.86 11.09 -11.92
CA GLY B 314 30.67 10.21 -11.09
C GLY B 314 30.05 10.06 -9.69
N ALA B 315 29.53 11.16 -9.16
CA ALA B 315 28.76 11.15 -7.92
C ALA B 315 27.59 10.18 -7.98
N VAL B 316 26.87 10.14 -9.10
CA VAL B 316 25.77 9.18 -9.27
C VAL B 316 26.27 7.75 -9.18
N ASP B 317 27.41 7.47 -9.84
CA ASP B 317 28.02 6.13 -9.73
C ASP B 317 28.47 5.76 -8.31
N GLU B 318 29.10 6.67 -7.60
CA GLU B 318 29.46 6.40 -6.28
C GLU B 318 28.20 6.21 -5.34
N LEU B 319 27.11 6.95 -5.65
CA LEU B 319 25.89 6.82 -4.86
C LEU B 319 25.33 5.49 -5.09
N LEU B 320 25.38 5.03 -6.34
CA LEU B 320 24.85 3.77 -6.67
C LEU B 320 25.63 2.62 -5.98
N ARG B 321 26.93 2.81 -5.82
CA ARG B 321 27.79 1.76 -5.27
C ARG B 321 27.61 1.71 -3.76
N TYR B 322 27.67 2.90 -3.19
CA TYR B 322 27.60 3.10 -1.77
C TYR B 322 26.28 2.62 -1.10
N LEU B 323 25.17 2.82 -1.80
CA LEU B 323 23.85 2.55 -1.28
C LEU B 323 23.44 1.17 -1.63
N SER B 324 23.77 0.70 -2.83
CA SER B 324 23.48 -0.67 -3.17
C SER B 324 22.05 -1.14 -2.75
N ILE B 325 21.03 -0.55 -3.38
CA ILE B 325 19.63 -0.74 -2.92
C ILE B 325 19.05 -2.03 -3.44
N ALA B 326 19.71 -2.57 -4.45
CA ALA B 326 19.43 -3.91 -4.90
C ALA B 326 20.51 -4.88 -4.35
N ASP B 327 20.12 -5.84 -3.50
CA ASP B 327 21.09 -6.73 -2.85
C ASP B 327 20.51 -8.11 -2.86
N GLY B 328 21.34 -9.15 -2.81
CA GLY B 328 20.80 -10.48 -2.58
C GLY B 328 20.07 -11.08 -3.74
N LEU B 329 20.61 -10.93 -4.94
CA LEU B 329 20.02 -11.59 -6.10
C LEU B 329 20.06 -13.11 -5.95
N ARG B 330 18.99 -13.77 -6.36
CA ARG B 330 18.87 -15.22 -6.19
C ARG B 330 18.96 -15.96 -7.48
N ARG B 331 19.70 -17.09 -7.44
CA ARG B 331 19.83 -18.00 -8.59
C ARG B 331 19.93 -19.42 -8.07
N SER B 332 19.73 -20.41 -8.94
CA SER B 332 20.13 -21.81 -8.62
C SER B 332 21.16 -22.36 -9.66
N ALA B 333 22.05 -23.25 -9.21
CA ALA B 333 23.03 -23.93 -10.14
C ALA B 333 22.43 -25.08 -10.97
N THR B 334 22.58 -25.02 -12.30
CA THR B 334 22.16 -26.13 -13.17
C THR B 334 23.09 -27.36 -12.98
N ALA B 335 24.40 -27.12 -12.87
CA ALA B 335 25.39 -28.18 -12.79
C ALA B 335 26.25 -28.03 -11.55
N ASP B 336 27.19 -28.94 -11.40
CA ASP B 336 28.25 -28.75 -10.43
C ASP B 336 29.14 -27.64 -10.96
N ILE B 337 29.84 -26.95 -10.06
CA ILE B 337 30.66 -25.79 -10.43
C ILE B 337 31.78 -25.59 -9.43
N GLU B 338 33.05 -25.61 -9.86
CA GLU B 338 34.18 -25.29 -8.98
C GLU B 338 34.69 -23.89 -9.28
N ILE B 339 34.80 -23.08 -8.25
CA ILE B 339 35.51 -21.80 -8.36
C ILE B 339 36.33 -21.82 -7.10
N ASP B 340 37.59 -21.39 -7.21
CA ASP B 340 38.57 -21.62 -6.15
C ASP B 340 37.86 -21.89 -4.80
N GLY B 341 36.96 -20.97 -4.39
CA GLY B 341 36.14 -21.11 -3.18
C GLY B 341 35.89 -22.56 -2.83
N HIS B 342 35.00 -23.23 -3.58
CA HIS B 342 34.88 -24.71 -3.52
C HIS B 342 34.26 -25.17 -4.84
N THR B 343 33.44 -26.22 -4.70
CA THR B 343 32.50 -26.63 -5.73
C THR B 343 31.05 -26.38 -5.24
N ILE B 344 30.12 -26.35 -6.18
CA ILE B 344 28.70 -26.16 -5.91
C ILE B 344 27.92 -27.29 -6.59
N ARG B 345 26.97 -27.88 -5.88
CA ARG B 345 26.13 -28.96 -6.42
C ARG B 345 25.12 -28.40 -7.41
N ALA B 346 24.75 -29.19 -8.42
CA ALA B 346 23.54 -28.90 -9.18
C ALA B 346 22.40 -28.90 -8.16
N GLY B 347 21.44 -28.00 -8.38
CA GLY B 347 20.31 -27.83 -7.47
C GLY B 347 20.56 -26.89 -6.32
N ASP B 348 21.82 -26.57 -6.02
CA ASP B 348 22.11 -25.58 -4.97
C ASP B 348 21.54 -24.17 -5.28
N GLY B 349 21.23 -23.43 -4.20
CA GLY B 349 20.72 -22.06 -4.30
C GLY B 349 21.87 -21.09 -4.09
N LEU B 350 21.83 -19.99 -4.83
CA LEU B 350 22.87 -18.97 -4.81
C LEU B 350 22.29 -17.61 -4.47
N VAL B 351 23.04 -16.83 -3.72
CA VAL B 351 22.63 -15.49 -3.33
C VAL B 351 23.78 -14.49 -3.41
N PHE B 352 23.55 -13.46 -4.20
CA PHE B 352 24.62 -12.55 -4.55
C PHE B 352 24.46 -11.28 -3.79
N LEU B 353 25.40 -11.09 -2.90
CA LEU B 353 25.46 -9.91 -2.08
C LEU B 353 26.11 -8.76 -2.81
N LEU B 354 25.38 -8.16 -3.76
CA LEU B 354 25.84 -6.98 -4.47
C LEU B 354 26.29 -5.93 -3.53
N ALA B 355 25.60 -5.77 -2.41
CA ALA B 355 26.06 -4.71 -1.46
C ALA B 355 27.42 -4.97 -0.80
N ALA B 356 27.75 -6.26 -0.65
CA ALA B 356 29.10 -6.69 -0.18
C ALA B 356 30.11 -6.53 -1.30
N ALA B 357 29.77 -7.06 -2.47
CA ALA B 357 30.60 -6.83 -3.65
C ALA B 357 31.02 -5.37 -3.90
N ASN B 358 30.07 -4.43 -3.73
CA ASN B 358 30.36 -3.02 -3.96
C ASN B 358 31.14 -2.39 -2.85
N ARG B 359 31.46 -3.12 -1.80
CA ARG B 359 32.47 -2.61 -0.87
C ARG B 359 33.71 -3.55 -0.75
N ASP B 360 33.96 -4.22 -1.85
CA ASP B 360 35.05 -5.17 -1.91
C ASP B 360 36.35 -4.41 -1.97
N GLU B 361 37.16 -4.52 -0.93
CA GLU B 361 38.44 -3.83 -0.84
C GLU B 361 39.46 -4.21 -1.91
N ALA B 362 39.19 -5.28 -2.64
CA ALA B 362 39.99 -5.70 -3.76
C ALA B 362 39.73 -4.80 -4.95
N VAL B 363 38.59 -4.12 -4.94
CA VAL B 363 38.16 -3.33 -6.06
C VAL B 363 38.25 -1.87 -5.71
N PHE B 364 38.09 -1.51 -4.45
CA PHE B 364 37.96 -0.10 -4.07
C PHE B 364 38.74 0.11 -2.81
N SER B 365 39.47 1.20 -2.65
CA SER B 365 40.06 1.41 -1.33
C SER B 365 39.26 2.35 -0.47
N GLU B 366 39.43 2.19 0.85
CA GLU B 366 38.48 2.69 1.86
C GLU B 366 37.07 2.57 1.28
N PRO B 367 36.63 1.35 0.99
CA PRO B 367 35.33 1.12 0.40
C PRO B 367 34.14 1.57 1.28
N GLU B 368 34.36 1.90 2.52
CA GLU B 368 33.30 2.31 3.40
C GLU B 368 33.15 3.83 3.35
N ALA B 369 34.12 4.53 2.75
CA ALA B 369 33.96 5.96 2.60
C ALA B 369 33.17 6.26 1.29
N PHE B 370 32.46 7.38 1.37
CA PHE B 370 31.66 7.86 0.27
C PHE B 370 32.51 8.95 -0.36
N ASP B 371 32.93 8.70 -1.59
CA ASP B 371 33.93 9.60 -2.24
C ASP B 371 33.48 9.87 -3.64
N ILE B 372 32.94 11.06 -3.94
CA ILE B 372 32.38 11.26 -5.27
C ILE B 372 33.45 11.32 -6.41
N HIS B 373 34.72 11.44 -6.03
CA HIS B 373 35.87 11.42 -7.00
C HIS B 373 36.39 10.06 -7.33
N ARG B 374 35.89 9.05 -6.66
CA ARG B 374 36.37 7.72 -6.80
C ARG B 374 36.11 7.26 -8.22
N SER B 375 36.91 6.34 -8.73
CA SER B 375 36.77 5.99 -10.13
C SER B 375 35.44 5.28 -10.36
N ALA B 376 34.79 5.68 -11.46
CA ALA B 376 33.44 5.27 -11.78
C ALA B 376 33.41 3.91 -12.51
N ARG B 377 32.30 3.22 -12.34
CA ARG B 377 31.93 2.14 -13.21
C ARG B 377 32.47 0.80 -12.83
N ARG B 378 32.94 0.64 -11.63
CA ARG B 378 33.39 -0.67 -11.26
C ARG B 378 32.35 -1.28 -10.29
N HIS B 379 31.27 -0.57 -9.95
CA HIS B 379 30.28 -1.15 -9.04
C HIS B 379 29.41 -2.20 -9.79
N VAL B 380 28.82 -3.12 -9.03
CA VAL B 380 27.78 -4.05 -9.55
C VAL B 380 26.35 -3.78 -8.97
N ALA B 381 26.01 -2.51 -8.79
CA ALA B 381 24.66 -2.10 -8.26
C ALA B 381 23.54 -2.40 -9.21
N PHE B 382 23.88 -2.51 -10.50
CA PHE B 382 22.98 -2.97 -11.53
C PHE B 382 22.98 -4.42 -11.83
N GLY B 383 23.60 -5.21 -10.96
CA GLY B 383 23.82 -6.65 -11.24
C GLY B 383 24.93 -6.89 -12.29
N TYR B 384 24.83 -8.00 -13.00
CA TYR B 384 25.89 -8.47 -13.90
C TYR B 384 25.36 -9.68 -14.69
N GLY B 385 25.92 -9.88 -15.87
CA GLY B 385 25.54 -11.03 -16.67
C GLY B 385 24.40 -10.62 -17.53
N PRO B 386 23.66 -11.60 -18.06
CA PRO B 386 22.60 -11.31 -19.02
C PRO B 386 21.41 -10.49 -18.43
N HIS B 387 21.23 -10.56 -17.11
CA HIS B 387 20.11 -9.84 -16.43
C HIS B 387 20.46 -8.48 -15.90
N GLN B 388 21.67 -8.01 -16.21
CA GLN B 388 22.10 -6.71 -15.75
C GLN B 388 21.09 -5.69 -16.22
N CYS B 389 20.81 -4.75 -15.32
CA CYS B 389 19.64 -3.86 -15.42
C CYS B 389 19.47 -3.25 -16.80
N LEU B 390 18.34 -3.64 -17.41
CA LEU B 390 17.95 -3.11 -18.65
C LEU B 390 17.76 -1.61 -18.61
N GLY B 391 17.38 -1.07 -17.45
CA GLY B 391 17.02 0.35 -17.37
C GLY B 391 18.10 1.27 -16.87
N GLN B 392 19.30 0.69 -16.72
CA GLN B 392 20.41 1.37 -16.11
C GLN B 392 20.76 2.68 -16.78
N ASN B 393 20.63 2.79 -18.10
CA ASN B 393 20.88 4.13 -18.67
C ASN B 393 19.80 5.18 -18.22
N LEU B 394 18.56 4.75 -18.18
CA LEU B 394 17.49 5.64 -17.82
C LEU B 394 17.61 6.01 -16.35
N ALA B 395 18.02 5.08 -15.51
CA ALA B 395 18.19 5.37 -14.08
C ALA B 395 19.28 6.34 -13.80
N ARG B 396 20.42 6.14 -14.48
CA ARG B 396 21.51 7.12 -14.33
C ARG B 396 21.07 8.50 -14.73
N MET B 397 20.40 8.60 -15.88
CA MET B 397 19.95 9.93 -16.30
C MET B 397 18.90 10.54 -15.35
N GLU B 398 17.97 9.73 -14.87
CA GLU B 398 16.98 10.25 -13.80
C GLU B 398 17.70 10.77 -12.61
N LEU B 399 18.69 10.02 -12.13
CA LEU B 399 19.43 10.53 -11.03
C LEU B 399 20.19 11.79 -11.30
N GLU B 400 20.85 11.88 -12.44
CA GLU B 400 21.66 13.09 -12.67
C GLU B 400 20.75 14.25 -12.80
N VAL B 401 19.67 14.02 -13.50
CA VAL B 401 18.70 15.12 -13.69
C VAL B 401 18.11 15.54 -12.35
N ALA B 402 17.61 14.56 -11.59
CA ALA B 402 16.97 14.94 -10.27
C ALA B 402 17.87 15.57 -9.31
N LEU B 403 19.04 14.96 -9.11
CA LEU B 403 19.99 15.53 -8.10
C LEU B 403 20.50 16.85 -8.50
N GLY B 404 20.77 17.03 -9.79
CA GLY B 404 21.24 18.37 -10.28
C GLY B 404 20.17 19.43 -10.07
N ALA B 405 18.90 19.06 -10.33
CA ALA B 405 17.81 20.02 -9.99
C ALA B 405 17.65 20.33 -8.51
N VAL B 406 17.87 19.33 -7.64
CA VAL B 406 17.75 19.61 -6.22
C VAL B 406 18.82 20.56 -5.80
N LEU B 407 20.05 20.29 -6.26
CA LEU B 407 21.18 21.18 -5.86
C LEU B 407 20.95 22.61 -6.33
N GLU B 408 20.35 22.72 -7.52
CA GLU B 408 20.11 24.10 -8.10
C GLU B 408 18.92 24.77 -7.40
N ARG B 409 17.82 24.05 -7.26
CA ARG B 409 16.60 24.68 -6.77
C ARG B 409 16.47 24.71 -5.24
N LEU B 410 17.03 23.72 -4.54
CA LEU B 410 16.97 23.67 -3.09
C LEU B 410 18.38 23.74 -2.45
N PRO B 411 19.12 24.81 -2.72
CA PRO B 411 20.52 24.88 -2.32
C PRO B 411 20.72 24.86 -0.82
N ALA B 412 19.79 25.38 0.00
CA ALA B 412 20.00 25.29 1.44
C ALA B 412 19.25 24.08 2.08
N LEU B 413 19.03 23.01 1.32
CA LEU B 413 18.29 21.85 1.79
C LEU B 413 18.92 21.35 3.08
N ARG B 414 18.05 20.95 4.01
CA ARG B 414 18.49 20.26 5.20
C ARG B 414 17.45 19.32 5.76
N PRO B 415 17.92 18.30 6.50
CA PRO B 415 17.02 17.31 7.01
C PRO B 415 16.34 17.89 8.22
N THR B 416 15.11 17.50 8.46
CA THR B 416 14.34 18.05 9.62
C THR B 416 14.07 16.97 10.76
N THR B 417 14.46 15.74 10.57
CA THR B 417 14.44 14.76 11.62
C THR B 417 15.76 13.96 11.65
N ASP B 418 16.04 13.36 12.81
CA ASP B 418 17.29 12.58 12.99
C ASP B 418 17.28 11.41 12.08
N VAL B 419 18.43 11.14 11.49
CA VAL B 419 18.54 10.01 10.59
C VAL B 419 18.28 8.62 11.29
N ALA B 420 18.62 8.45 12.57
CA ALA B 420 18.23 7.23 13.35
C ALA B 420 16.73 7.02 13.43
N GLY B 421 16.00 8.11 13.34
CA GLY B 421 14.61 8.08 13.28
C GLY B 421 14.00 7.47 12.06
N LEU B 422 14.72 7.31 10.94
CA LEU B 422 14.03 6.89 9.75
C LEU B 422 13.80 5.42 9.71
N ARG B 423 12.61 4.99 9.32
CA ARG B 423 12.28 3.62 9.22
C ARG B 423 12.77 3.13 7.89
N LEU B 424 13.26 1.88 7.84
CA LEU B 424 13.87 1.34 6.62
C LEU B 424 13.05 0.25 6.03
N LYS B 425 13.09 0.11 4.72
CA LYS B 425 12.42 -1.01 4.01
C LYS B 425 13.30 -2.25 3.96
N SER B 426 13.65 -2.67 5.17
CA SER B 426 14.53 -3.79 5.34
C SER B 426 14.10 -5.01 4.58
N ASP B 427 12.82 -5.34 4.51
CA ASP B 427 12.44 -6.60 3.89
C ASP B 427 12.00 -6.48 2.45
N SER B 428 12.14 -5.31 1.85
CA SER B 428 11.79 -5.14 0.43
C SER B 428 12.95 -5.60 -0.46
N ALA B 429 12.63 -6.09 -1.65
CA ALA B 429 13.62 -6.32 -2.69
C ALA B 429 14.41 -5.07 -3.05
N VAL B 430 13.81 -3.89 -2.84
CA VAL B 430 14.43 -2.63 -3.09
C VAL B 430 14.52 -1.86 -1.83
N PHE B 431 15.74 -1.69 -1.35
CA PHE B 431 15.96 -1.02 -0.10
C PHE B 431 15.61 0.47 -0.21
N GLY B 432 15.40 1.11 0.93
CA GLY B 432 14.88 2.44 0.97
C GLY B 432 14.32 2.82 2.34
N VAL B 433 13.82 4.04 2.38
CA VAL B 433 13.21 4.64 3.54
C VAL B 433 11.72 4.84 3.21
N TYR B 434 10.97 5.16 4.25
CA TYR B 434 9.55 5.42 4.18
C TYR B 434 9.26 6.88 3.92
N GLU B 435 10.15 7.79 4.32
CA GLU B 435 9.97 9.20 4.07
C GLU B 435 11.30 9.93 4.18
N LEU B 436 11.31 11.19 3.78
CA LEU B 436 12.48 12.04 4.00
C LEU B 436 12.15 13.43 4.30
N PRO B 437 11.90 13.72 5.59
CA PRO B 437 11.52 15.07 5.83
C PRO B 437 12.71 16.04 5.60
N VAL B 438 12.44 17.15 4.91
CA VAL B 438 13.45 18.19 4.59
C VAL B 438 12.84 19.55 4.62
N ALA B 439 13.70 20.58 4.70
CA ALA B 439 13.33 21.96 4.61
C ALA B 439 14.46 22.69 3.80
N TRP B 440 14.22 23.90 3.26
CA TRP B 440 15.18 24.62 2.35
C TRP B 440 15.02 26.16 2.33
#